data_2NC3
#
_entry.id   2NC3
#
loop_
_entity.id
_entity.type
_entity.pdbx_description
1 polymer 'Pin1 WW Domain'
2 non-polymer beta-D-allopyranose
#
_entity_poly.entity_id   1
_entity_poly.type   'polypeptide(L)'
_entity_poly.pdbx_seq_one_letter_code
;KLPPGWEKRMFANGTVYYFNHITNASQFERPSG
;
_entity_poly.pdbx_strand_id   A
#
# COMPACT_ATOMS: atom_id res chain seq x y z
N LYS A 1 -8.15 2.06 -9.93
CA LYS A 1 -7.15 2.53 -8.93
C LYS A 1 -6.41 1.35 -8.31
N LEU A 2 -6.96 0.71 -7.27
CA LEU A 2 -6.37 -0.37 -6.47
C LEU A 2 -7.47 -1.35 -5.96
N PRO A 3 -7.12 -2.56 -5.49
CA PRO A 3 -8.07 -3.49 -4.86
C PRO A 3 -8.64 -2.97 -3.52
N PRO A 4 -9.69 -3.60 -2.96
CA PRO A 4 -10.38 -3.13 -1.76
C PRO A 4 -9.45 -2.85 -0.56
N GLY A 5 -9.52 -1.61 -0.06
CA GLY A 5 -8.76 -1.11 1.10
C GLY A 5 -7.32 -0.66 0.83
N TRP A 6 -6.71 -1.04 -0.30
CA TRP A 6 -5.33 -0.64 -0.64
C TRP A 6 -5.19 0.83 -1.08
N GLU A 7 -4.13 1.49 -0.63
CA GLU A 7 -3.70 2.83 -1.08
C GLU A 7 -2.18 3.01 -0.94
N LYS A 8 -1.57 3.93 -1.71
CA LYS A 8 -0.15 4.29 -1.58
C LYS A 8 0.22 4.88 -0.22
N ARG A 9 1.43 4.56 0.23
CA ARG A 9 2.01 4.89 1.54
C ARG A 9 3.51 5.21 1.36
N MET A 10 4.15 5.82 2.37
CA MET A 10 5.55 6.26 2.27
C MET A 10 6.24 6.34 3.65
N PHE A 11 7.46 5.82 3.70
CA PHE A 11 8.38 5.89 4.84
C PHE A 11 9.01 7.27 5.12
N ALA A 12 9.48 7.51 6.34
CA ALA A 12 10.15 8.77 6.73
C ALA A 12 11.45 9.06 5.94
N ASN A 13 12.09 8.02 5.38
CA ASN A 13 13.26 8.12 4.49
C ASN A 13 12.93 8.45 3.02
N GLY A 14 11.64 8.57 2.65
CA GLY A 14 11.17 8.85 1.29
C GLY A 14 10.94 7.62 0.40
N THR A 15 10.77 6.43 0.99
CA THR A 15 10.51 5.17 0.25
C THR A 15 9.02 4.88 0.15
N VAL A 16 8.52 4.58 -1.06
CA VAL A 16 7.08 4.36 -1.33
C VAL A 16 6.76 2.87 -1.27
N TYR A 17 5.57 2.56 -0.75
CA TYR A 17 4.99 1.21 -0.68
C TYR A 17 3.44 1.33 -0.70
N TYR A 18 2.74 0.23 -0.49
CA TYR A 18 1.27 0.14 -0.51
C TYR A 18 0.75 -0.42 0.82
N PHE A 19 -0.37 0.11 1.29
CA PHE A 19 -0.97 -0.20 2.59
C PHE A 19 -2.48 -0.41 2.52
N ASN A 20 -2.99 -1.46 3.17
CA ASN A 20 -4.42 -1.73 3.24
C ASN A 20 -5.02 -1.17 4.55
N HIS A 21 -5.92 -0.19 4.44
CA HIS A 21 -6.53 0.48 5.60
C HIS A 21 -7.56 -0.40 6.33
N ILE A 22 -8.16 -1.39 5.64
CA ILE A 22 -9.18 -2.29 6.17
C ILE A 22 -8.56 -3.48 6.91
N THR A 23 -7.46 -4.01 6.35
CA THR A 23 -6.79 -5.26 6.79
C THR A 23 -5.44 -5.10 7.49
N ASN A 24 -4.89 -3.87 7.51
CA ASN A 24 -3.58 -3.49 8.06
C ASN A 24 -2.39 -4.21 7.37
N ALA A 25 -2.59 -4.81 6.20
CA ALA A 25 -1.52 -5.39 5.37
C ALA A 25 -0.65 -4.30 4.72
N SER A 26 0.61 -4.63 4.40
CA SER A 26 1.58 -3.74 3.75
C SER A 26 2.49 -4.49 2.76
N GLN A 27 2.76 -3.91 1.58
CA GLN A 27 3.60 -4.54 0.55
C GLN A 27 4.28 -3.53 -0.39
N PHE A 28 5.41 -3.89 -0.98
CA PHE A 28 6.21 -3.02 -1.86
C PHE A 28 5.83 -2.94 -3.35
N GLU A 29 5.41 -4.07 -3.94
CA GLU A 29 4.89 -4.15 -5.32
C GLU A 29 3.41 -3.75 -5.38
N ARG A 30 2.94 -3.17 -6.49
CA ARG A 30 1.55 -2.68 -6.61
C ARG A 30 0.52 -3.83 -6.42
N PRO A 31 -0.45 -3.70 -5.49
CA PRO A 31 -1.52 -4.68 -5.28
C PRO A 31 -2.36 -4.93 -6.54
N SER A 32 -2.96 -6.13 -6.61
CA SER A 32 -3.74 -6.60 -7.77
C SER A 32 -4.90 -7.51 -7.36
N GLY A 33 -5.96 -7.57 -8.18
CA GLY A 33 -7.18 -8.36 -7.93
C GLY A 33 -8.14 -8.36 -9.13
N LYS A 1 -7.90 2.24 -9.52
CA LYS A 1 -6.57 2.64 -8.99
C LYS A 1 -5.86 1.47 -8.31
N LEU A 2 -6.39 1.01 -7.17
CA LEU A 2 -5.86 -0.09 -6.33
C LEU A 2 -7.00 -1.05 -5.89
N PRO A 3 -6.70 -2.28 -5.43
CA PRO A 3 -7.71 -3.22 -4.94
C PRO A 3 -8.40 -2.77 -3.64
N PRO A 4 -9.49 -3.43 -3.19
CA PRO A 4 -10.26 -3.02 -2.01
C PRO A 4 -9.42 -2.79 -0.74
N GLY A 5 -9.53 -1.59 -0.17
CA GLY A 5 -8.82 -1.14 1.03
C GLY A 5 -7.37 -0.67 0.83
N TRP A 6 -6.72 -0.97 -0.30
CA TRP A 6 -5.35 -0.56 -0.59
C TRP A 6 -5.20 0.93 -0.96
N GLU A 7 -4.17 1.57 -0.41
CA GLU A 7 -3.75 2.95 -0.70
C GLU A 7 -2.21 3.07 -0.72
N LYS A 8 -1.68 4.09 -1.40
CA LYS A 8 -0.24 4.43 -1.31
C LYS A 8 0.16 4.99 0.06
N ARG A 9 1.39 4.66 0.47
CA ARG A 9 2.01 5.00 1.76
C ARG A 9 3.50 5.25 1.55
N MET A 10 4.18 5.90 2.50
CA MET A 10 5.62 6.20 2.37
C MET A 10 6.35 6.38 3.71
N PHE A 11 7.57 5.85 3.77
CA PHE A 11 8.53 5.99 4.86
C PHE A 11 9.16 7.40 4.97
N ALA A 12 9.64 7.75 6.17
CA ALA A 12 10.29 9.06 6.44
C ALA A 12 11.59 9.28 5.62
N ASN A 13 12.23 8.21 5.15
CA ASN A 13 13.41 8.25 4.26
C ASN A 13 13.06 8.54 2.77
N GLY A 14 11.79 8.66 2.41
CA GLY A 14 11.31 8.89 1.04
C GLY A 14 11.02 7.63 0.22
N THR A 15 10.83 6.46 0.86
CA THR A 15 10.50 5.19 0.19
C THR A 15 9.00 4.94 0.14
N VAL A 16 8.44 4.66 -1.04
CA VAL A 16 7.01 4.45 -1.27
C VAL A 16 6.67 2.95 -1.22
N TYR A 17 5.50 2.63 -0.66
CA TYR A 17 4.92 1.28 -0.58
C TYR A 17 3.38 1.40 -0.59
N TYR A 18 2.68 0.28 -0.42
CA TYR A 18 1.22 0.19 -0.41
C TYR A 18 0.74 -0.39 0.93
N PHE A 19 -0.39 0.11 1.42
CA PHE A 19 -0.97 -0.25 2.71
C PHE A 19 -2.49 -0.44 2.63
N ASN A 20 -3.03 -1.51 3.22
CA ASN A 20 -4.46 -1.78 3.26
C ASN A 20 -5.07 -1.25 4.57
N HIS A 21 -5.96 -0.26 4.47
CA HIS A 21 -6.58 0.39 5.65
C HIS A 21 -7.64 -0.49 6.34
N ILE A 22 -8.22 -1.46 5.62
CA ILE A 22 -9.26 -2.37 6.11
C ILE A 22 -8.66 -3.59 6.83
N THR A 23 -7.56 -4.12 6.27
CA THR A 23 -6.92 -5.39 6.68
C THR A 23 -5.57 -5.26 7.39
N ASN A 24 -5.01 -4.05 7.46
CA ASN A 24 -3.68 -3.71 8.00
C ASN A 24 -2.49 -4.41 7.31
N ALA A 25 -2.69 -5.01 6.14
CA ALA A 25 -1.62 -5.56 5.30
C ALA A 25 -0.75 -4.46 4.67
N SER A 26 0.50 -4.80 4.32
CA SER A 26 1.44 -3.91 3.62
C SER A 26 2.23 -4.66 2.52
N GLN A 27 2.63 -3.95 1.47
CA GLN A 27 3.29 -4.53 0.28
C GLN A 27 4.18 -3.48 -0.41
N PHE A 28 5.34 -3.90 -0.92
CA PHE A 28 6.21 -3.04 -1.75
C PHE A 28 5.87 -3.00 -3.25
N GLU A 29 5.53 -4.16 -3.81
CA GLU A 29 4.97 -4.32 -5.15
C GLU A 29 3.51 -3.86 -5.21
N ARG A 30 3.00 -3.53 -6.41
CA ARG A 30 1.59 -3.15 -6.63
C ARG A 30 0.69 -4.32 -6.19
N PRO A 31 -0.21 -4.15 -5.19
CA PRO A 31 -1.01 -5.25 -4.65
C PRO A 31 -1.93 -5.87 -5.71
N SER A 32 -2.14 -7.19 -5.64
CA SER A 32 -2.84 -8.01 -6.65
C SER A 32 -2.29 -7.76 -8.07
N GLY A 33 -1.00 -7.99 -8.27
CA GLY A 33 -0.28 -7.82 -9.54
C GLY A 33 1.17 -8.32 -9.51
N LYS A 1 -7.81 2.16 -9.87
CA LYS A 1 -6.45 2.38 -9.28
C LYS A 1 -5.95 1.12 -8.54
N LEU A 2 -6.51 0.83 -7.36
CA LEU A 2 -6.13 -0.26 -6.45
C LEU A 2 -7.36 -1.05 -5.94
N PRO A 3 -7.20 -2.28 -5.41
CA PRO A 3 -8.29 -3.09 -4.86
C PRO A 3 -8.86 -2.51 -3.55
N PRO A 4 -9.98 -3.05 -3.01
CA PRO A 4 -10.62 -2.56 -1.79
C PRO A 4 -9.67 -2.44 -0.58
N GLY A 5 -9.69 -1.26 0.06
CA GLY A 5 -8.87 -0.93 1.22
C GLY A 5 -7.43 -0.52 0.94
N TRP A 6 -6.86 -0.87 -0.23
CA TRP A 6 -5.49 -0.52 -0.61
C TRP A 6 -5.30 0.94 -1.04
N GLU A 7 -4.21 1.57 -0.58
CA GLU A 7 -3.74 2.88 -1.04
C GLU A 7 -2.22 3.06 -0.80
N LYS A 8 -1.54 3.75 -1.73
CA LYS A 8 -0.11 4.08 -1.66
C LYS A 8 0.29 4.87 -0.41
N ARG A 9 1.49 4.59 0.08
CA ARG A 9 2.06 5.07 1.35
C ARG A 9 3.54 5.44 1.18
N MET A 10 4.13 6.06 2.21
CA MET A 10 5.47 6.67 2.13
C MET A 10 6.14 6.74 3.51
N PHE A 11 7.39 6.27 3.57
CA PHE A 11 8.30 6.39 4.71
C PHE A 11 9.02 7.74 4.86
N ALA A 12 9.47 8.08 6.08
CA ALA A 12 10.20 9.32 6.37
C ALA A 12 11.55 9.44 5.62
N ASN A 13 12.14 8.30 5.20
CA ASN A 13 13.35 8.22 4.38
C ASN A 13 13.11 8.41 2.86
N GLY A 14 11.86 8.61 2.43
CA GLY A 14 11.49 8.78 1.01
C GLY A 14 11.21 7.47 0.25
N THR A 15 10.93 6.37 0.95
CA THR A 15 10.59 5.05 0.36
C THR A 15 9.08 4.84 0.23
N VAL A 16 8.62 4.39 -0.94
CA VAL A 16 7.19 4.18 -1.24
C VAL A 16 6.83 2.71 -0.97
N TYR A 17 5.62 2.50 -0.45
CA TYR A 17 5.01 1.18 -0.26
C TYR A 17 3.48 1.25 -0.43
N TYR A 18 2.81 0.12 -0.29
CA TYR A 18 1.36 -0.06 -0.39
C TYR A 18 0.81 -0.58 0.94
N PHE A 19 -0.35 -0.07 1.37
CA PHE A 19 -0.96 -0.44 2.64
C PHE A 19 -2.49 -0.57 2.52
N ASN A 20 -3.06 -1.59 3.18
CA ASN A 20 -4.50 -1.80 3.24
C ASN A 20 -5.06 -1.31 4.58
N HIS A 21 -5.93 -0.29 4.55
CA HIS A 21 -6.48 0.31 5.77
C HIS A 21 -7.54 -0.56 6.47
N ILE A 22 -8.17 -1.50 5.74
CA ILE A 22 -9.23 -2.39 6.23
C ILE A 22 -8.63 -3.66 6.87
N THR A 23 -7.57 -4.20 6.26
CA THR A 23 -6.96 -5.50 6.60
C THR A 23 -5.58 -5.46 7.26
N ASN A 24 -4.97 -4.27 7.34
CA ASN A 24 -3.62 -4.00 7.86
C ASN A 24 -2.47 -4.71 7.10
N ALA A 25 -2.74 -5.25 5.91
CA ALA A 25 -1.72 -5.81 5.02
C ALA A 25 -0.81 -4.73 4.40
N SER A 26 0.43 -5.09 4.05
CA SER A 26 1.42 -4.20 3.42
C SER A 26 2.28 -4.91 2.37
N GLN A 27 2.74 -4.16 1.36
CA GLN A 27 3.62 -4.63 0.28
C GLN A 27 4.54 -3.51 -0.24
N PHE A 28 5.72 -3.87 -0.76
CA PHE A 28 6.60 -2.95 -1.50
C PHE A 28 6.31 -2.79 -3.00
N GLU A 29 5.64 -3.78 -3.59
CA GLU A 29 5.08 -3.74 -4.96
C GLU A 29 3.54 -3.69 -4.91
N ARG A 30 2.89 -3.17 -5.97
CA ARG A 30 1.43 -2.99 -5.96
C ARG A 30 0.67 -4.34 -5.88
N PRO A 31 -0.51 -4.37 -5.23
CA PRO A 31 -1.37 -5.57 -5.18
C PRO A 31 -1.95 -5.91 -6.56
N SER A 32 -2.22 -7.20 -6.80
CA SER A 32 -2.86 -7.70 -8.02
C SER A 32 -4.36 -7.34 -8.10
N GLY A 33 -4.90 -7.33 -9.33
CA GLY A 33 -6.31 -6.99 -9.64
C GLY A 33 -6.66 -7.19 -11.10
N LYS A 1 -8.37 2.01 -9.53
CA LYS A 1 -6.94 1.75 -9.84
C LYS A 1 -6.39 0.60 -8.98
N LEU A 2 -6.11 0.84 -7.70
CA LEU A 2 -5.78 -0.20 -6.71
C LEU A 2 -7.03 -1.02 -6.34
N PRO A 3 -6.88 -2.29 -5.89
CA PRO A 3 -7.98 -3.12 -5.38
C PRO A 3 -8.57 -2.59 -4.04
N PRO A 4 -9.75 -3.07 -3.61
CA PRO A 4 -10.44 -2.58 -2.42
C PRO A 4 -9.59 -2.59 -1.13
N GLY A 5 -9.65 -1.49 -0.37
CA GLY A 5 -8.93 -1.29 0.89
C GLY A 5 -7.45 -0.87 0.75
N TRP A 6 -6.79 -1.14 -0.38
CA TRP A 6 -5.40 -0.76 -0.62
C TRP A 6 -5.22 0.72 -1.03
N GLU A 7 -4.14 1.34 -0.56
CA GLU A 7 -3.75 2.73 -0.82
C GLU A 7 -2.22 2.92 -0.73
N LYS A 8 -1.66 3.89 -1.45
CA LYS A 8 -0.23 4.25 -1.38
C LYS A 8 0.19 4.80 -0.01
N ARG A 9 1.41 4.47 0.40
CA ARG A 9 2.04 4.85 1.68
C ARG A 9 3.52 5.15 1.47
N MET A 10 4.19 5.80 2.43
CA MET A 10 5.60 6.20 2.29
C MET A 10 6.30 6.36 3.65
N PHE A 11 7.54 5.85 3.71
CA PHE A 11 8.47 6.00 4.83
C PHE A 11 9.08 7.41 4.99
N ALA A 12 9.56 7.75 6.19
CA ALA A 12 10.19 9.05 6.48
C ALA A 12 11.47 9.33 5.67
N ASN A 13 12.14 8.28 5.16
CA ASN A 13 13.29 8.36 4.25
C ASN A 13 12.93 8.61 2.78
N GLY A 14 11.64 8.66 2.43
CA GLY A 14 11.15 8.84 1.05
C GLY A 14 10.95 7.54 0.25
N THR A 15 10.80 6.39 0.92
CA THR A 15 10.54 5.08 0.27
C THR A 15 9.05 4.76 0.20
N VAL A 16 8.53 4.51 -0.99
CA VAL A 16 7.08 4.31 -1.24
C VAL A 16 6.74 2.81 -1.20
N TYR A 17 5.57 2.50 -0.65
CA TYR A 17 4.98 1.16 -0.56
C TYR A 17 3.44 1.26 -0.60
N TYR A 18 2.76 0.14 -0.41
CA TYR A 18 1.30 0.01 -0.49
C TYR A 18 0.74 -0.60 0.80
N PHE A 19 -0.42 -0.13 1.26
CA PHE A 19 -1.00 -0.43 2.56
C PHE A 19 -2.52 -0.62 2.51
N ASN A 20 -3.04 -1.66 3.14
CA ASN A 20 -4.48 -1.90 3.25
C ASN A 20 -5.04 -1.29 4.56
N HIS A 21 -5.95 -0.32 4.45
CA HIS A 21 -6.50 0.39 5.61
C HIS A 21 -7.52 -0.44 6.43
N ILE A 22 -8.12 -1.45 5.80
CA ILE A 22 -9.16 -2.31 6.39
C ILE A 22 -8.52 -3.47 7.18
N THR A 23 -7.44 -4.05 6.65
CA THR A 23 -6.78 -5.28 7.15
C THR A 23 -5.39 -5.08 7.77
N ASN A 24 -4.84 -3.86 7.70
CA ASN A 24 -3.50 -3.47 8.16
C ASN A 24 -2.32 -4.20 7.47
N ALA A 25 -2.57 -4.88 6.35
CA ALA A 25 -1.54 -5.49 5.51
C ALA A 25 -0.67 -4.43 4.79
N SER A 26 0.59 -4.77 4.49
CA SER A 26 1.53 -3.90 3.76
C SER A 26 2.39 -4.68 2.76
N GLN A 27 2.76 -4.06 1.63
CA GLN A 27 3.61 -4.68 0.60
C GLN A 27 4.32 -3.63 -0.28
N PHE A 28 5.46 -4.00 -0.88
CA PHE A 28 6.29 -3.10 -1.71
C PHE A 28 5.93 -2.92 -3.19
N GLU A 29 5.36 -3.96 -3.81
CA GLU A 29 4.85 -3.95 -5.19
C GLU A 29 3.37 -3.54 -5.26
N ARG A 30 2.92 -2.97 -6.39
CA ARG A 30 1.53 -2.46 -6.53
C ARG A 30 0.52 -3.62 -6.42
N PRO A 31 -0.45 -3.59 -5.49
CA PRO A 31 -1.47 -4.63 -5.33
C PRO A 31 -2.45 -4.67 -6.51
N SER A 32 -3.07 -5.82 -6.76
CA SER A 32 -4.08 -6.03 -7.81
C SER A 32 -5.07 -7.15 -7.43
N GLY A 33 -6.30 -7.10 -7.97
CA GLY A 33 -7.40 -8.01 -7.67
C GLY A 33 -8.63 -7.77 -8.54
N LYS A 1 -6.81 2.38 -10.78
CA LYS A 1 -6.53 2.56 -9.33
C LYS A 1 -6.33 1.20 -8.63
N LEU A 2 -5.71 1.19 -7.45
CA LEU A 2 -5.52 0.03 -6.58
C LEU A 2 -6.86 -0.66 -6.20
N PRO A 3 -6.83 -1.97 -5.83
CA PRO A 3 -8.01 -2.72 -5.39
C PRO A 3 -8.58 -2.21 -4.05
N PRO A 4 -9.81 -2.60 -3.66
CA PRO A 4 -10.46 -2.16 -2.43
C PRO A 4 -9.62 -2.37 -1.15
N GLY A 5 -9.65 -1.38 -0.25
CA GLY A 5 -8.87 -1.33 1.00
C GLY A 5 -7.41 -0.92 0.83
N TRP A 6 -6.77 -1.20 -0.31
CA TRP A 6 -5.39 -0.82 -0.61
C TRP A 6 -5.22 0.64 -1.08
N GLU A 7 -4.15 1.30 -0.65
CA GLU A 7 -3.79 2.67 -1.02
C GLU A 7 -2.25 2.89 -0.93
N LYS A 8 -1.72 3.91 -1.64
CA LYS A 8 -0.31 4.34 -1.52
C LYS A 8 0.06 4.82 -0.11
N ARG A 9 1.31 4.54 0.27
CA ARG A 9 1.92 4.83 1.58
C ARG A 9 3.41 5.18 1.40
N MET A 10 4.05 5.79 2.40
CA MET A 10 5.44 6.23 2.29
C MET A 10 6.13 6.34 3.65
N PHE A 11 7.36 5.84 3.72
CA PHE A 11 8.27 5.93 4.87
C PHE A 11 8.88 7.31 5.13
N ALA A 12 9.37 7.56 6.36
CA ALA A 12 10.03 8.82 6.74
C ALA A 12 11.32 9.11 5.94
N ASN A 13 11.96 8.08 5.38
CA ASN A 13 13.13 8.18 4.49
C ASN A 13 12.77 8.50 3.01
N GLY A 14 11.48 8.63 2.67
CA GLY A 14 11.00 8.91 1.30
C GLY A 14 10.78 7.68 0.42
N THR A 15 10.64 6.48 1.01
CA THR A 15 10.42 5.22 0.27
C THR A 15 8.94 4.89 0.18
N VAL A 16 8.42 4.68 -1.04
CA VAL A 16 6.99 4.47 -1.31
C VAL A 16 6.67 2.98 -1.35
N TYR A 17 5.50 2.62 -0.81
CA TYR A 17 4.95 1.26 -0.76
C TYR A 17 3.41 1.36 -0.77
N TYR A 18 2.71 0.25 -0.57
CA TYR A 18 1.26 0.15 -0.60
C TYR A 18 0.77 -0.49 0.71
N PHE A 19 -0.39 -0.03 1.20
CA PHE A 19 -0.92 -0.35 2.52
C PHE A 19 -2.44 -0.57 2.50
N ASN A 20 -2.93 -1.59 3.19
CA ASN A 20 -4.35 -1.87 3.34
C ASN A 20 -4.91 -1.23 4.62
N HIS A 21 -5.81 -0.26 4.50
CA HIS A 21 -6.36 0.47 5.65
C HIS A 21 -7.36 -0.35 6.49
N ILE A 22 -7.96 -1.40 5.90
CA ILE A 22 -8.96 -2.27 6.52
C ILE A 22 -8.30 -3.41 7.31
N THR A 23 -7.22 -3.99 6.76
CA THR A 23 -6.54 -5.21 7.25
C THR A 23 -5.14 -5.00 7.84
N ASN A 24 -4.60 -3.79 7.75
CA ASN A 24 -3.24 -3.41 8.17
C ASN A 24 -2.09 -4.16 7.46
N ALA A 25 -2.37 -4.86 6.35
CA ALA A 25 -1.36 -5.48 5.48
C ALA A 25 -0.54 -4.42 4.71
N SER A 26 0.68 -4.78 4.30
CA SER A 26 1.60 -3.90 3.56
C SER A 26 2.39 -4.67 2.47
N GLN A 27 2.73 -3.99 1.37
CA GLN A 27 3.47 -4.55 0.24
C GLN A 27 4.32 -3.50 -0.50
N PHE A 28 5.53 -3.88 -0.91
CA PHE A 28 6.37 -3.08 -1.81
C PHE A 28 5.99 -3.19 -3.30
N GLU A 29 5.43 -4.34 -3.70
CA GLU A 29 4.86 -4.61 -5.02
C GLU A 29 3.39 -4.16 -5.11
N ARG A 30 2.95 -3.73 -6.30
CA ARG A 30 1.58 -3.25 -6.56
C ARG A 30 0.52 -4.31 -6.18
N PRO A 31 -0.42 -4.04 -5.25
CA PRO A 31 -1.55 -4.94 -4.97
C PRO A 31 -2.54 -4.96 -6.15
N SER A 32 -3.25 -6.06 -6.32
CA SER A 32 -4.23 -6.29 -7.40
C SER A 32 -5.37 -7.22 -6.97
N GLY A 33 -6.50 -7.17 -7.70
CA GLY A 33 -7.71 -7.97 -7.46
C GLY A 33 -8.85 -7.64 -8.43
N LYS A 1 -7.70 1.73 -10.18
CA LYS A 1 -6.58 2.16 -9.29
C LYS A 1 -5.96 0.97 -8.56
N LEU A 2 -6.64 0.42 -7.53
CA LEU A 2 -6.16 -0.61 -6.60
C LEU A 2 -7.33 -1.48 -6.08
N PRO A 3 -7.09 -2.67 -5.49
CA PRO A 3 -8.13 -3.49 -4.86
C PRO A 3 -8.74 -2.85 -3.59
N PRO A 4 -9.84 -3.39 -3.04
CA PRO A 4 -10.51 -2.86 -1.85
C PRO A 4 -9.57 -2.66 -0.65
N GLY A 5 -9.61 -1.46 -0.07
CA GLY A 5 -8.82 -1.05 1.10
C GLY A 5 -7.38 -0.61 0.82
N TRP A 6 -6.79 -0.97 -0.33
CA TRP A 6 -5.41 -0.61 -0.69
C TRP A 6 -5.23 0.87 -1.09
N GLU A 7 -4.16 1.49 -0.62
CA GLU A 7 -3.77 2.88 -0.88
C GLU A 7 -2.24 3.06 -0.76
N LYS A 8 -1.67 4.05 -1.45
CA LYS A 8 -0.23 4.39 -1.35
C LYS A 8 0.17 4.95 0.03
N ARG A 9 1.39 4.61 0.45
CA ARG A 9 2.00 4.94 1.74
C ARG A 9 3.50 5.22 1.55
N MET A 10 4.17 5.86 2.51
CA MET A 10 5.58 6.26 2.36
C MET A 10 6.29 6.40 3.71
N PHE A 11 7.52 5.87 3.78
CA PHE A 11 8.46 6.01 4.89
C PHE A 11 9.09 7.40 5.06
N ALA A 12 9.58 7.73 6.26
CA ALA A 12 10.23 9.02 6.56
C ALA A 12 11.53 9.27 5.74
N ASN A 13 12.16 8.21 5.24
CA ASN A 13 13.32 8.27 4.33
C ASN A 13 12.97 8.54 2.85
N GLY A 14 11.67 8.63 2.50
CA GLY A 14 11.19 8.83 1.13
C GLY A 14 10.96 7.55 0.31
N THR A 15 10.78 6.39 0.97
CA THR A 15 10.50 5.10 0.31
C THR A 15 9.00 4.83 0.23
N VAL A 16 8.46 4.61 -0.97
CA VAL A 16 7.02 4.43 -1.22
C VAL A 16 6.67 2.94 -1.24
N TYR A 17 5.50 2.61 -0.69
CA TYR A 17 4.93 1.27 -0.63
C TYR A 17 3.38 1.36 -0.62
N TYR A 18 2.71 0.22 -0.49
CA TYR A 18 1.25 0.09 -0.51
C TYR A 18 0.73 -0.49 0.81
N PHE A 19 -0.42 0.01 1.27
CA PHE A 19 -0.99 -0.30 2.58
C PHE A 19 -2.51 -0.48 2.50
N ASN A 20 -3.04 -1.52 3.16
CA ASN A 20 -4.47 -1.78 3.24
C ASN A 20 -5.06 -1.21 4.54
N HIS A 21 -5.94 -0.21 4.45
CA HIS A 21 -6.53 0.46 5.62
C HIS A 21 -7.56 -0.41 6.37
N ILE A 22 -8.17 -1.39 5.69
CA ILE A 22 -9.20 -2.29 6.23
C ILE A 22 -8.57 -3.49 6.96
N THR A 23 -7.49 -4.03 6.40
CA THR A 23 -6.84 -5.28 6.84
C THR A 23 -5.47 -5.13 7.51
N ASN A 24 -4.91 -3.92 7.52
CA ASN A 24 -3.58 -3.56 8.03
C ASN A 24 -2.38 -4.27 7.33
N ALA A 25 -2.62 -4.91 6.17
CA ALA A 25 -1.58 -5.49 5.33
C ALA A 25 -0.69 -4.42 4.66
N SER A 26 0.56 -4.76 4.35
CA SER A 26 1.52 -3.89 3.64
C SER A 26 2.33 -4.67 2.59
N GLN A 27 2.72 -3.99 1.50
CA GLN A 27 3.41 -4.58 0.35
C GLN A 27 4.20 -3.53 -0.45
N PHE A 28 5.34 -3.92 -1.02
CA PHE A 28 6.19 -3.08 -1.89
C PHE A 28 5.87 -3.13 -3.40
N GLU A 29 5.67 -4.33 -3.95
CA GLU A 29 5.25 -4.53 -5.34
C GLU A 29 3.75 -4.19 -5.51
N ARG A 30 3.41 -3.26 -6.41
CA ARG A 30 2.04 -2.71 -6.47
C ARG A 30 0.95 -3.79 -6.72
N PRO A 31 -0.19 -3.76 -6.01
CA PRO A 31 -1.34 -4.62 -6.29
C PRO A 31 -1.94 -4.36 -7.67
N SER A 32 -2.61 -5.35 -8.27
CA SER A 32 -3.30 -5.20 -9.57
C SER A 32 -4.54 -4.30 -9.47
N GLY A 33 -4.75 -3.41 -10.44
CA GLY A 33 -5.89 -2.48 -10.50
C GLY A 33 -5.84 -1.47 -11.65
N LYS A 1 -8.28 1.52 -9.89
CA LYS A 1 -6.91 1.88 -9.44
C LYS A 1 -6.25 0.73 -8.66
N LEU A 2 -6.77 0.42 -7.46
CA LEU A 2 -6.27 -0.63 -6.54
C LEU A 2 -7.44 -1.47 -5.99
N PRO A 3 -7.19 -2.68 -5.41
CA PRO A 3 -8.21 -3.51 -4.77
C PRO A 3 -8.77 -2.87 -3.47
N PRO A 4 -9.87 -3.41 -2.90
CA PRO A 4 -10.51 -2.87 -1.71
C PRO A 4 -9.55 -2.66 -0.52
N GLY A 5 -9.55 -1.45 0.01
CA GLY A 5 -8.73 -1.02 1.15
C GLY A 5 -7.28 -0.61 0.84
N TRP A 6 -6.70 -1.04 -0.28
CA TRP A 6 -5.33 -0.70 -0.68
C TRP A 6 -5.16 0.75 -1.16
N GLU A 7 -4.13 1.44 -0.66
CA GLU A 7 -3.69 2.78 -1.07
C GLU A 7 -2.16 2.92 -1.03
N LYS A 8 -1.61 3.92 -1.70
CA LYS A 8 -0.18 4.31 -1.57
C LYS A 8 0.17 4.82 -0.17
N ARG A 9 1.39 4.51 0.26
CA ARG A 9 1.96 4.79 1.60
C ARG A 9 3.45 5.12 1.46
N MET A 10 4.07 5.71 2.47
CA MET A 10 5.44 6.25 2.40
C MET A 10 6.16 6.30 3.74
N PHE A 11 7.43 5.89 3.72
CA PHE A 11 8.38 5.98 4.83
C PHE A 11 9.02 7.36 5.05
N ALA A 12 9.50 7.64 6.26
CA ALA A 12 10.17 8.90 6.61
C ALA A 12 11.48 9.14 5.84
N ASN A 13 12.12 8.08 5.32
CA ASN A 13 13.31 8.13 4.46
C ASN A 13 13.01 8.45 2.97
N GLY A 14 11.73 8.62 2.59
CA GLY A 14 11.31 8.89 1.20
C GLY A 14 11.05 7.66 0.32
N THR A 15 10.80 6.48 0.92
CA THR A 15 10.48 5.23 0.20
C THR A 15 8.97 5.02 0.08
N VAL A 16 8.49 4.64 -1.11
CA VAL A 16 7.07 4.38 -1.40
C VAL A 16 6.75 2.89 -1.26
N TYR A 17 5.57 2.58 -0.72
CA TYR A 17 5.00 1.22 -0.64
C TYR A 17 3.45 1.34 -0.67
N TYR A 18 2.76 0.22 -0.45
CA TYR A 18 1.30 0.10 -0.50
C TYR A 18 0.77 -0.48 0.81
N PHE A 19 -0.38 0.02 1.26
CA PHE A 19 -0.97 -0.30 2.57
C PHE A 19 -2.49 -0.47 2.49
N ASN A 20 -3.02 -1.52 3.14
CA ASN A 20 -4.45 -1.78 3.22
C ASN A 20 -5.03 -1.21 4.53
N HIS A 21 -5.90 -0.19 4.42
CA HIS A 21 -6.47 0.49 5.60
C HIS A 21 -7.52 -0.37 6.35
N ILE A 22 -8.12 -1.35 5.68
CA ILE A 22 -9.18 -2.23 6.21
C ILE A 22 -8.57 -3.44 6.93
N THR A 23 -7.50 -4.01 6.38
CA THR A 23 -6.86 -5.27 6.82
C THR A 23 -5.49 -5.14 7.49
N ASN A 24 -4.91 -3.92 7.50
CA ASN A 24 -3.57 -3.59 8.00
C ASN A 24 -2.40 -4.31 7.29
N ALA A 25 -2.64 -4.93 6.14
CA ALA A 25 -1.61 -5.51 5.28
C ALA A 25 -0.73 -4.43 4.62
N SER A 26 0.52 -4.79 4.28
CA SER A 26 1.49 -3.90 3.62
C SER A 26 2.32 -4.64 2.56
N GLN A 27 2.71 -3.95 1.48
CA GLN A 27 3.41 -4.55 0.34
C GLN A 27 4.27 -3.52 -0.41
N PHE A 28 5.44 -3.93 -0.91
CA PHE A 28 6.33 -3.09 -1.72
C PHE A 28 6.04 -2.98 -3.22
N GLU A 29 5.63 -4.09 -3.85
CA GLU A 29 5.10 -4.10 -5.22
C GLU A 29 3.63 -3.66 -5.21
N ARG A 30 3.14 -3.07 -6.31
CA ARG A 30 1.75 -2.62 -6.35
C ARG A 30 0.76 -3.80 -6.39
N PRO A 31 -0.35 -3.76 -5.63
CA PRO A 31 -1.46 -4.71 -5.76
C PRO A 31 -2.08 -4.69 -7.16
N SER A 32 -2.57 -5.84 -7.62
CA SER A 32 -3.26 -6.04 -8.91
C SER A 32 -2.52 -5.46 -10.14
N GLY A 33 -1.19 -5.54 -10.18
CA GLY A 33 -0.34 -5.06 -11.28
C GLY A 33 1.12 -5.50 -11.17
N LYS A 1 -8.11 2.65 -9.32
CA LYS A 1 -6.74 2.89 -8.77
C LYS A 1 -6.10 1.60 -8.25
N LEU A 2 -6.59 1.07 -7.11
CA LEU A 2 -6.04 -0.06 -6.37
C LEU A 2 -7.15 -1.05 -5.92
N PRO A 3 -6.82 -2.29 -5.51
CA PRO A 3 -7.80 -3.27 -5.01
C PRO A 3 -8.44 -2.84 -3.68
N PRO A 4 -9.51 -3.53 -3.20
CA PRO A 4 -10.26 -3.15 -2.00
C PRO A 4 -9.39 -2.90 -0.75
N GLY A 5 -9.49 -1.68 -0.21
CA GLY A 5 -8.78 -1.21 0.99
C GLY A 5 -7.34 -0.73 0.77
N TRP A 6 -6.68 -1.04 -0.35
CA TRP A 6 -5.31 -0.62 -0.63
C TRP A 6 -5.16 0.87 -1.00
N GLU A 7 -4.12 1.51 -0.47
CA GLU A 7 -3.73 2.90 -0.76
C GLU A 7 -2.20 3.10 -0.60
N LYS A 8 -1.63 4.08 -1.33
CA LYS A 8 -0.20 4.44 -1.22
C LYS A 8 0.20 4.98 0.14
N ARG A 9 1.43 4.66 0.55
CA ARG A 9 2.07 5.06 1.82
C ARG A 9 3.58 5.25 1.60
N MET A 10 4.27 5.95 2.50
CA MET A 10 5.71 6.22 2.35
C MET A 10 6.45 6.46 3.67
N PHE A 11 7.67 5.92 3.75
CA PHE A 11 8.63 6.13 4.82
C PHE A 11 9.28 7.52 4.84
N ALA A 12 9.76 7.97 6.01
CA ALA A 12 10.41 9.27 6.19
C ALA A 12 11.72 9.46 5.37
N ASN A 13 12.36 8.35 4.96
CA ASN A 13 13.52 8.33 4.08
C ASN A 13 13.21 8.53 2.57
N GLY A 14 11.92 8.63 2.20
CA GLY A 14 11.46 8.77 0.81
C GLY A 14 11.17 7.45 0.07
N THR A 15 10.94 6.35 0.80
CA THR A 15 10.60 5.04 0.22
C THR A 15 9.09 4.82 0.18
N VAL A 16 8.54 4.51 -1.01
CA VAL A 16 7.09 4.33 -1.24
C VAL A 16 6.72 2.84 -1.14
N TYR A 17 5.55 2.57 -0.56
CA TYR A 17 4.93 1.26 -0.44
C TYR A 17 3.40 1.41 -0.45
N TYR A 18 2.67 0.32 -0.20
CA TYR A 18 1.21 0.24 -0.21
C TYR A 18 0.70 -0.36 1.11
N PHE A 19 -0.45 0.13 1.59
CA PHE A 19 -1.05 -0.25 2.86
C PHE A 19 -2.56 -0.47 2.70
N ASN A 20 -3.10 -1.53 3.31
CA ASN A 20 -4.54 -1.82 3.29
C ASN A 20 -5.21 -1.33 4.57
N HIS A 21 -6.13 -0.36 4.45
CA HIS A 21 -6.81 0.25 5.61
C HIS A 21 -7.85 -0.67 6.27
N ILE A 22 -8.39 -1.65 5.52
CA ILE A 22 -9.42 -2.60 5.97
C ILE A 22 -8.79 -3.80 6.70
N THR A 23 -7.66 -4.29 6.18
CA THR A 23 -7.00 -5.54 6.59
C THR A 23 -5.66 -5.38 7.33
N ASN A 24 -5.17 -4.15 7.50
CA ASN A 24 -3.88 -3.73 8.06
C ASN A 24 -2.62 -4.39 7.43
N ALA A 25 -2.76 -5.01 6.25
CA ALA A 25 -1.65 -5.54 5.46
C ALA A 25 -0.78 -4.42 4.86
N SER A 26 0.48 -4.75 4.54
CA SER A 26 1.42 -3.87 3.84
C SER A 26 2.21 -4.63 2.76
N GLN A 27 2.59 -3.94 1.67
CA GLN A 27 3.23 -4.52 0.50
C GLN A 27 4.07 -3.49 -0.27
N PHE A 28 5.19 -3.90 -0.86
CA PHE A 28 6.05 -3.07 -1.71
C PHE A 28 5.72 -3.04 -3.21
N GLU A 29 5.34 -4.19 -3.77
CA GLU A 29 4.92 -4.32 -5.17
C GLU A 29 3.48 -3.81 -5.38
N ARG A 30 3.24 -3.03 -6.45
CA ARG A 30 1.96 -2.35 -6.75
C ARG A 30 0.78 -3.34 -6.80
N PRO A 31 -0.17 -3.31 -5.83
CA PRO A 31 -1.22 -4.34 -5.66
C PRO A 31 -2.17 -4.51 -6.85
N SER A 32 -2.65 -5.74 -7.06
CA SER A 32 -3.58 -6.10 -8.14
C SER A 32 -4.48 -7.28 -7.73
N GLY A 33 -5.67 -7.38 -8.34
CA GLY A 33 -6.70 -8.41 -8.06
C GLY A 33 -7.88 -8.34 -9.02
N LYS A 1 -6.04 0.92 -11.61
CA LYS A 1 -6.11 1.46 -10.22
C LYS A 1 -6.00 0.32 -9.19
N LEU A 2 -5.62 0.65 -7.95
CA LEU A 2 -5.51 -0.29 -6.82
C LEU A 2 -6.85 -1.01 -6.53
N PRO A 3 -6.81 -2.27 -6.02
CA PRO A 3 -7.99 -3.00 -5.56
C PRO A 3 -8.57 -2.41 -4.24
N PRO A 4 -9.80 -2.81 -3.83
CA PRO A 4 -10.46 -2.30 -2.62
C PRO A 4 -9.63 -2.45 -1.34
N GLY A 5 -9.68 -1.42 -0.49
CA GLY A 5 -8.98 -1.34 0.80
C GLY A 5 -7.50 -0.95 0.73
N TRP A 6 -6.81 -1.19 -0.39
CA TRP A 6 -5.41 -0.80 -0.60
C TRP A 6 -5.22 0.68 -0.96
N GLU A 7 -4.11 1.25 -0.51
CA GLU A 7 -3.69 2.65 -0.68
C GLU A 7 -2.17 2.78 -0.81
N LYS A 8 -1.69 3.88 -1.42
CA LYS A 8 -0.25 4.23 -1.41
C LYS A 8 0.18 4.80 -0.05
N ARG A 9 1.42 4.50 0.35
CA ARG A 9 2.01 4.88 1.63
C ARG A 9 3.52 5.13 1.46
N MET A 10 4.17 5.78 2.42
CA MET A 10 5.57 6.22 2.27
C MET A 10 6.28 6.38 3.63
N PHE A 11 7.51 5.87 3.69
CA PHE A 11 8.45 6.01 4.80
C PHE A 11 9.07 7.41 4.98
N ALA A 12 9.56 7.73 6.19
CA ALA A 12 10.21 9.02 6.49
C ALA A 12 11.48 9.31 5.66
N ASN A 13 12.13 8.27 5.14
CA ASN A 13 13.29 8.35 4.23
C ASN A 13 12.93 8.62 2.75
N GLY A 14 11.63 8.69 2.40
CA GLY A 14 11.15 8.89 1.03
C GLY A 14 10.93 7.60 0.22
N THR A 15 10.78 6.44 0.86
CA THR A 15 10.52 5.14 0.20
C THR A 15 9.02 4.84 0.13
N VAL A 16 8.50 4.51 -1.05
CA VAL A 16 7.06 4.27 -1.28
C VAL A 16 6.76 2.77 -1.17
N TYR A 17 5.59 2.46 -0.61
CA TYR A 17 5.01 1.12 -0.48
C TYR A 17 3.48 1.22 -0.52
N TYR A 18 2.79 0.10 -0.32
CA TYR A 18 1.34 -0.02 -0.39
C TYR A 18 0.79 -0.62 0.91
N PHE A 19 -0.38 -0.16 1.35
CA PHE A 19 -0.95 -0.46 2.67
C PHE A 19 -2.47 -0.66 2.56
N ASN A 20 -3.02 -1.68 3.24
CA ASN A 20 -4.46 -1.91 3.31
C ASN A 20 -5.06 -1.31 4.59
N HIS A 21 -5.99 -0.36 4.46
CA HIS A 21 -6.58 0.36 5.60
C HIS A 21 -7.56 -0.49 6.43
N ILE A 22 -8.16 -1.52 5.82
CA ILE A 22 -9.17 -2.41 6.41
C ILE A 22 -8.50 -3.54 7.22
N THR A 23 -7.40 -4.09 6.70
CA THR A 23 -6.71 -5.30 7.19
C THR A 23 -5.31 -5.09 7.80
N ASN A 24 -4.82 -3.85 7.76
CA ASN A 24 -3.47 -3.40 8.17
C ASN A 24 -2.28 -4.15 7.52
N ALA A 25 -2.53 -4.87 6.42
CA ALA A 25 -1.49 -5.49 5.59
C ALA A 25 -0.62 -4.42 4.87
N SER A 26 0.63 -4.78 4.53
CA SER A 26 1.57 -3.91 3.80
C SER A 26 2.44 -4.69 2.82
N GLN A 27 2.81 -4.08 1.68
CA GLN A 27 3.65 -4.70 0.65
C GLN A 27 4.36 -3.65 -0.24
N PHE A 28 5.48 -4.01 -0.87
CA PHE A 28 6.28 -3.10 -1.71
C PHE A 28 5.88 -2.93 -3.19
N GLU A 29 5.28 -3.97 -3.80
CA GLU A 29 4.77 -3.95 -5.18
C GLU A 29 3.29 -3.55 -5.24
N ARG A 30 2.83 -2.96 -6.36
CA ARG A 30 1.45 -2.46 -6.49
C ARG A 30 0.42 -3.61 -6.38
N PRO A 31 -0.56 -3.55 -5.46
CA PRO A 31 -1.59 -4.58 -5.28
C PRO A 31 -2.49 -4.77 -6.51
N SER A 32 -3.16 -5.93 -6.59
CA SER A 32 -4.11 -6.30 -7.64
C SER A 32 -5.22 -7.24 -7.14
N GLY A 33 -6.34 -7.29 -7.87
CA GLY A 33 -7.54 -8.08 -7.52
C GLY A 33 -8.63 -8.03 -8.59
N LYS A 1 -7.96 2.03 -10.28
CA LYS A 1 -7.63 2.18 -8.84
C LYS A 1 -7.13 0.85 -8.25
N LEU A 2 -6.42 0.93 -7.12
CA LEU A 2 -5.93 -0.22 -6.32
C LEU A 2 -7.06 -1.17 -5.85
N PRO A 3 -6.75 -2.41 -5.43
CA PRO A 3 -7.74 -3.38 -4.93
C PRO A 3 -8.39 -2.95 -3.60
N PRO A 4 -9.44 -3.65 -3.13
CA PRO A 4 -10.21 -3.26 -1.94
C PRO A 4 -9.37 -2.98 -0.69
N GLY A 5 -9.49 -1.75 -0.16
CA GLY A 5 -8.78 -1.26 1.03
C GLY A 5 -7.35 -0.76 0.80
N TRP A 6 -6.69 -1.08 -0.31
CA TRP A 6 -5.32 -0.64 -0.62
C TRP A 6 -5.21 0.85 -0.99
N GLU A 7 -4.16 1.50 -0.52
CA GLU A 7 -3.79 2.89 -0.84
C GLU A 7 -2.25 3.07 -0.76
N LYS A 8 -1.70 4.05 -1.49
CA LYS A 8 -0.27 4.40 -1.40
C LYS A 8 0.13 4.96 -0.02
N ARG A 9 1.36 4.64 0.38
CA ARG A 9 1.99 4.96 1.67
C ARG A 9 3.49 5.25 1.45
N MET A 10 4.17 5.87 2.42
CA MET A 10 5.58 6.25 2.27
C MET A 10 6.30 6.38 3.63
N PHE A 11 7.52 5.83 3.68
CA PHE A 11 8.46 5.94 4.80
C PHE A 11 9.12 7.32 5.00
N ALA A 12 9.62 7.60 6.21
CA ALA A 12 10.31 8.86 6.53
C ALA A 12 11.61 9.09 5.72
N ASN A 13 12.22 8.00 5.22
CA ASN A 13 13.39 8.03 4.32
C ASN A 13 13.04 8.33 2.84
N GLY A 14 11.76 8.47 2.48
CA GLY A 14 11.29 8.71 1.11
C GLY A 14 11.03 7.45 0.27
N THR A 15 10.81 6.29 0.90
CA THR A 15 10.51 5.02 0.22
C THR A 15 9.00 4.77 0.14
N VAL A 16 8.47 4.57 -1.06
CA VAL A 16 7.02 4.41 -1.32
C VAL A 16 6.65 2.92 -1.32
N TYR A 17 5.49 2.62 -0.77
CA TYR A 17 4.90 1.28 -0.68
C TYR A 17 3.36 1.43 -0.65
N TYR A 18 2.65 0.33 -0.37
CA TYR A 18 1.19 0.25 -0.35
C TYR A 18 0.71 -0.31 1.00
N PHE A 19 -0.42 0.20 1.49
CA PHE A 19 -1.01 -0.15 2.78
C PHE A 19 -2.52 -0.37 2.68
N ASN A 20 -3.03 -1.44 3.29
CA ASN A 20 -4.46 -1.75 3.31
C ASN A 20 -5.12 -1.21 4.59
N HIS A 21 -6.03 -0.25 4.46
CA HIS A 21 -6.70 0.40 5.60
C HIS A 21 -7.73 -0.50 6.30
N ILE A 22 -8.28 -1.50 5.59
CA ILE A 22 -9.30 -2.44 6.08
C ILE A 22 -8.66 -3.62 6.83
N THR A 23 -7.53 -4.12 6.31
CA THR A 23 -6.85 -5.35 6.77
C THR A 23 -5.52 -5.16 7.51
N ASN A 24 -5.02 -3.92 7.56
CA ASN A 24 -3.72 -3.52 8.15
C ASN A 24 -2.47 -4.17 7.50
N ALA A 25 -2.62 -4.81 6.34
CA ALA A 25 -1.52 -5.36 5.56
C ALA A 25 -0.66 -4.27 4.88
N SER A 26 0.61 -4.58 4.61
CA SER A 26 1.55 -3.72 3.87
C SER A 26 2.31 -4.51 2.78
N GLN A 27 2.64 -3.84 1.68
CA GLN A 27 3.18 -4.47 0.46
C GLN A 27 4.00 -3.47 -0.39
N PHE A 28 5.08 -3.93 -1.02
CA PHE A 28 6.02 -3.09 -1.79
C PHE A 28 5.75 -2.88 -3.30
N GLU A 29 5.65 -3.96 -4.07
CA GLU A 29 5.22 -3.93 -5.47
C GLU A 29 3.70 -3.69 -5.59
N ARG A 30 3.22 -3.13 -6.71
CA ARG A 30 1.81 -2.72 -6.92
C ARG A 30 0.85 -3.90 -6.64
N PRO A 31 -0.07 -3.81 -5.66
CA PRO A 31 -1.00 -4.89 -5.29
C PRO A 31 -1.83 -5.40 -6.48
N SER A 32 -1.98 -6.72 -6.60
CA SER A 32 -2.60 -7.40 -7.75
C SER A 32 -1.98 -6.96 -9.10
N GLY A 33 -0.66 -7.12 -9.24
CA GLY A 33 0.12 -6.74 -10.43
C GLY A 33 1.57 -7.22 -10.40
N LYS A 1 -9.25 3.18 -8.12
CA LYS A 1 -7.78 3.00 -7.95
C LYS A 1 -7.50 1.92 -6.91
N LEU A 2 -6.61 0.96 -7.22
CA LEU A 2 -6.18 -0.18 -6.38
C LEU A 2 -7.32 -1.16 -5.97
N PRO A 3 -7.01 -2.38 -5.48
CA PRO A 3 -7.99 -3.31 -4.94
C PRO A 3 -8.62 -2.81 -3.62
N PRO A 4 -9.70 -3.44 -3.11
CA PRO A 4 -10.44 -2.98 -1.93
C PRO A 4 -9.56 -2.75 -0.69
N GLY A 5 -9.60 -1.52 -0.15
CA GLY A 5 -8.85 -1.09 1.03
C GLY A 5 -7.39 -0.66 0.80
N TRP A 6 -6.77 -1.01 -0.32
CA TRP A 6 -5.39 -0.64 -0.63
C TRP A 6 -5.21 0.85 -1.03
N GLU A 7 -4.12 1.47 -0.55
CA GLU A 7 -3.72 2.85 -0.82
C GLU A 7 -2.20 3.02 -0.73
N LYS A 8 -1.62 3.97 -1.48
CA LYS A 8 -0.19 4.32 -1.42
C LYS A 8 0.23 4.96 -0.09
N ARG A 9 1.44 4.65 0.34
CA ARG A 9 2.07 5.05 1.62
C ARG A 9 3.57 5.33 1.41
N MET A 10 4.23 5.96 2.37
CA MET A 10 5.63 6.38 2.24
C MET A 10 6.35 6.50 3.60
N PHE A 11 7.56 5.96 3.66
CA PHE A 11 8.50 6.05 4.77
C PHE A 11 9.15 7.42 5.00
N ALA A 12 9.65 7.68 6.22
CA ALA A 12 10.34 8.94 6.57
C ALA A 12 11.63 9.20 5.75
N ASN A 13 12.24 8.13 5.20
CA ASN A 13 13.39 8.20 4.29
C ASN A 13 13.04 8.51 2.81
N GLY A 14 11.75 8.64 2.47
CA GLY A 14 11.26 8.89 1.11
C GLY A 14 11.00 7.64 0.26
N THR A 15 10.83 6.45 0.86
CA THR A 15 10.55 5.19 0.15
C THR A 15 9.05 4.91 0.10
N VAL A 16 8.52 4.59 -1.08
CA VAL A 16 7.07 4.37 -1.32
C VAL A 16 6.74 2.87 -1.19
N TYR A 17 5.56 2.59 -0.64
CA TYR A 17 4.97 1.26 -0.51
C TYR A 17 3.42 1.37 -0.55
N TYR A 18 2.73 0.25 -0.37
CA TYR A 18 1.27 0.14 -0.39
C TYR A 18 0.78 -0.43 0.95
N PHE A 19 -0.39 0.05 1.39
CA PHE A 19 -1.00 -0.30 2.67
C PHE A 19 -2.52 -0.49 2.56
N ASN A 20 -3.06 -1.54 3.18
CA ASN A 20 -4.49 -1.80 3.23
C ASN A 20 -5.11 -1.27 4.54
N HIS A 21 -6.00 -0.29 4.45
CA HIS A 21 -6.60 0.35 5.64
C HIS A 21 -7.65 -0.54 6.36
N ILE A 22 -8.24 -1.50 5.64
CA ILE A 22 -9.28 -2.41 6.14
C ILE A 22 -8.66 -3.63 6.86
N THR A 23 -7.57 -4.16 6.31
CA THR A 23 -6.91 -5.41 6.73
C THR A 23 -5.54 -5.27 7.41
N ASN A 24 -5.00 -4.05 7.46
CA ASN A 24 -3.68 -3.70 7.99
C ASN A 24 -2.48 -4.37 7.28
N ALA A 25 -2.69 -4.97 6.10
CA ALA A 25 -1.63 -5.52 5.25
C ALA A 25 -0.73 -4.43 4.66
N SER A 26 0.54 -4.76 4.38
CA SER A 26 1.53 -3.87 3.75
C SER A 26 2.41 -4.61 2.73
N GLN A 27 2.75 -3.95 1.62
CA GLN A 27 3.46 -4.54 0.49
C GLN A 27 4.24 -3.49 -0.32
N PHE A 28 5.41 -3.86 -0.87
CA PHE A 28 6.23 -2.99 -1.73
C PHE A 28 5.87 -2.95 -3.22
N GLU A 29 5.52 -4.11 -3.79
CA GLU A 29 4.95 -4.24 -5.15
C GLU A 29 3.49 -3.75 -5.21
N ARG A 30 3.03 -3.27 -6.37
CA ARG A 30 1.63 -2.83 -6.55
C ARG A 30 0.66 -4.00 -6.31
N PRO A 31 -0.33 -3.88 -5.40
CA PRO A 31 -1.30 -4.94 -5.10
C PRO A 31 -2.02 -5.48 -6.35
N SER A 32 -2.19 -6.81 -6.42
CA SER A 32 -2.70 -7.51 -7.61
C SER A 32 -4.19 -7.22 -7.88
N GLY A 33 -4.52 -6.92 -9.15
CA GLY A 33 -5.87 -6.53 -9.61
C GLY A 33 -5.88 -6.12 -11.08
N LYS A 1 -7.54 0.72 -10.76
CA LYS A 1 -6.24 0.84 -10.04
C LYS A 1 -6.41 0.48 -8.56
N LEU A 2 -5.58 -0.47 -8.09
CA LEU A 2 -5.55 -1.09 -6.75
C LEU A 2 -6.86 -1.85 -6.38
N PRO A 3 -6.76 -2.99 -5.67
CA PRO A 3 -7.91 -3.72 -5.12
C PRO A 3 -8.48 -3.04 -3.85
N PRO A 4 -9.68 -3.43 -3.38
CA PRO A 4 -10.34 -2.79 -2.23
C PRO A 4 -9.48 -2.73 -0.95
N GLY A 5 -9.54 -1.59 -0.27
CA GLY A 5 -8.81 -1.30 0.97
C GLY A 5 -7.36 -0.83 0.80
N TRP A 6 -6.69 -1.17 -0.30
CA TRP A 6 -5.31 -0.76 -0.59
C TRP A 6 -5.17 0.70 -1.06
N GLU A 7 -4.12 1.39 -0.59
CA GLU A 7 -3.76 2.76 -0.97
C GLU A 7 -2.24 3.01 -0.81
N LYS A 8 -1.68 3.96 -1.57
CA LYS A 8 -0.28 4.40 -1.46
C LYS A 8 0.13 4.89 -0.07
N ARG A 9 1.38 4.61 0.30
CA ARG A 9 2.03 4.95 1.58
C ARG A 9 3.51 5.24 1.37
N MET A 10 4.18 5.87 2.35
CA MET A 10 5.59 6.25 2.23
C MET A 10 6.29 6.37 3.59
N PHE A 11 7.50 5.81 3.67
CA PHE A 11 8.43 5.92 4.81
C PHE A 11 9.07 7.30 5.02
N ALA A 12 9.54 7.59 6.23
CA ALA A 12 10.21 8.85 6.57
C ALA A 12 11.52 9.10 5.77
N ASN A 13 12.16 8.03 5.26
CA ASN A 13 13.33 8.07 4.38
C ASN A 13 13.00 8.37 2.89
N GLY A 14 11.72 8.48 2.53
CA GLY A 14 11.27 8.72 1.14
C GLY A 14 11.01 7.46 0.31
N THR A 15 10.81 6.29 0.94
CA THR A 15 10.53 5.01 0.25
C THR A 15 9.03 4.75 0.17
N VAL A 16 8.50 4.50 -1.04
CA VAL A 16 7.06 4.34 -1.31
C VAL A 16 6.69 2.86 -1.27
N TYR A 17 5.50 2.57 -0.72
CA TYR A 17 4.90 1.24 -0.62
C TYR A 17 3.37 1.38 -0.65
N TYR A 18 2.64 0.28 -0.42
CA TYR A 18 1.19 0.19 -0.48
C TYR A 18 0.66 -0.44 0.81
N PHE A 19 -0.46 0.06 1.30
CA PHE A 19 -1.02 -0.26 2.62
C PHE A 19 -2.53 -0.47 2.58
N ASN A 20 -3.04 -1.52 3.22
CA ASN A 20 -4.45 -1.82 3.32
C ASN A 20 -5.06 -1.22 4.60
N HIS A 21 -5.96 -0.26 4.47
CA HIS A 21 -6.58 0.45 5.61
C HIS A 21 -7.59 -0.41 6.39
N ILE A 22 -8.16 -1.44 5.74
CA ILE A 22 -9.18 -2.33 6.30
C ILE A 22 -8.54 -3.48 7.11
N THR A 23 -7.44 -4.03 6.59
CA THR A 23 -6.76 -5.25 7.10
C THR A 23 -5.39 -5.05 7.74
N ASN A 24 -4.84 -3.83 7.68
CA ASN A 24 -3.50 -3.44 8.14
C ASN A 24 -2.33 -4.16 7.44
N ALA A 25 -2.58 -4.84 6.31
CA ALA A 25 -1.55 -5.44 5.46
C ALA A 25 -0.69 -4.36 4.75
N SER A 26 0.54 -4.73 4.38
CA SER A 26 1.50 -3.85 3.70
C SER A 26 2.31 -4.60 2.63
N GLN A 27 2.66 -3.93 1.52
CA GLN A 27 3.35 -4.52 0.38
C GLN A 27 4.19 -3.48 -0.38
N PHE A 28 5.36 -3.87 -0.87
CA PHE A 28 6.24 -3.02 -1.69
C PHE A 28 5.89 -2.86 -3.17
N GLU A 29 5.40 -3.94 -3.79
CA GLU A 29 4.86 -3.96 -5.16
C GLU A 29 3.41 -3.44 -5.22
N ARG A 30 3.04 -2.77 -6.32
CA ARG A 30 1.68 -2.23 -6.52
C ARG A 30 0.66 -3.38 -6.63
N PRO A 31 -0.35 -3.48 -5.74
CA PRO A 31 -1.30 -4.60 -5.75
C PRO A 31 -2.25 -4.54 -6.96
N SER A 32 -2.64 -5.69 -7.50
CA SER A 32 -3.41 -5.82 -8.74
C SER A 32 -4.89 -5.42 -8.61
N GLY A 33 -5.37 -4.56 -9.52
CA GLY A 33 -6.72 -4.00 -9.55
C GLY A 33 -6.84 -2.68 -10.34
N LYS A 1 -8.46 1.35 -9.65
CA LYS A 1 -7.15 1.96 -9.30
C LYS A 1 -6.31 0.96 -8.48
N LEU A 2 -6.71 0.64 -7.25
CA LEU A 2 -6.14 -0.42 -6.40
C LEU A 2 -7.26 -1.37 -5.88
N PRO A 3 -6.92 -2.58 -5.39
CA PRO A 3 -7.90 -3.52 -4.80
C PRO A 3 -8.56 -2.98 -3.50
N PRO A 4 -9.65 -3.60 -3.01
CA PRO A 4 -10.40 -3.12 -1.85
C PRO A 4 -9.54 -2.85 -0.60
N GLY A 5 -9.58 -1.61 -0.10
CA GLY A 5 -8.85 -1.13 1.07
C GLY A 5 -7.39 -0.71 0.82
N TRP A 6 -6.75 -1.10 -0.29
CA TRP A 6 -5.37 -0.71 -0.62
C TRP A 6 -5.23 0.75 -1.08
N GLU A 7 -4.22 1.44 -0.57
CA GLU A 7 -3.78 2.78 -1.01
C GLU A 7 -2.25 2.94 -0.91
N LYS A 8 -1.69 3.96 -1.58
CA LYS A 8 -0.28 4.35 -1.47
C LYS A 8 0.09 4.85 -0.07
N ARG A 9 1.32 4.54 0.34
CA ARG A 9 1.93 4.82 1.65
C ARG A 9 3.42 5.17 1.48
N MET A 10 4.04 5.80 2.46
CA MET A 10 5.40 6.34 2.31
C MET A 10 6.16 6.46 3.64
N PHE A 11 7.39 5.96 3.65
CA PHE A 11 8.36 6.02 4.75
C PHE A 11 9.08 7.36 4.93
N ALA A 12 9.55 7.66 6.15
CA ALA A 12 10.28 8.90 6.47
C ALA A 12 11.62 9.03 5.72
N ASN A 13 12.21 7.92 5.27
CA ASN A 13 13.43 7.88 4.44
C ASN A 13 13.21 8.18 2.94
N GLY A 14 11.96 8.42 2.51
CA GLY A 14 11.59 8.73 1.12
C GLY A 14 11.16 7.52 0.28
N THR A 15 10.89 6.36 0.89
CA THR A 15 10.50 5.11 0.20
C THR A 15 8.98 4.95 0.13
N VAL A 16 8.43 4.71 -1.06
CA VAL A 16 6.99 4.51 -1.30
C VAL A 16 6.66 3.01 -1.29
N TYR A 17 5.50 2.67 -0.75
CA TYR A 17 4.93 1.32 -0.68
C TYR A 17 3.38 1.43 -0.70
N TYR A 18 2.69 0.33 -0.43
CA TYR A 18 1.23 0.21 -0.43
C TYR A 18 0.74 -0.38 0.89
N PHE A 19 -0.42 0.07 1.35
CA PHE A 19 -1.02 -0.27 2.65
C PHE A 19 -2.53 -0.45 2.57
N ASN A 20 -3.06 -1.51 3.18
CA ASN A 20 -4.50 -1.77 3.25
C ASN A 20 -5.09 -1.21 4.56
N HIS A 21 -5.98 -0.23 4.46
CA HIS A 21 -6.57 0.45 5.63
C HIS A 21 -7.60 -0.42 6.38
N ILE A 22 -8.21 -1.40 5.69
CA ILE A 22 -9.24 -2.30 6.22
C ILE A 22 -8.62 -3.50 6.95
N THR A 23 -7.53 -4.05 6.41
CA THR A 23 -6.89 -5.30 6.84
C THR A 23 -5.51 -5.16 7.51
N ASN A 24 -4.96 -3.94 7.53
CA ASN A 24 -3.62 -3.59 8.04
C ASN A 24 -2.44 -4.29 7.32
N ALA A 25 -2.68 -4.90 6.15
CA ALA A 25 -1.63 -5.48 5.30
C ALA A 25 -0.73 -4.38 4.68
N SER A 26 0.52 -4.72 4.37
CA SER A 26 1.51 -3.84 3.71
C SER A 26 2.35 -4.59 2.68
N GLN A 27 2.70 -3.92 1.58
CA GLN A 27 3.45 -4.51 0.45
C GLN A 27 4.17 -3.41 -0.36
N PHE A 28 5.37 -3.72 -0.86
CA PHE A 28 6.16 -2.81 -1.69
C PHE A 28 5.85 -2.81 -3.20
N GLU A 29 5.59 -4.00 -3.76
CA GLU A 29 5.11 -4.18 -5.14
C GLU A 29 3.65 -3.71 -5.31
N ARG A 30 3.33 -3.08 -6.44
CA ARG A 30 1.99 -2.52 -6.73
C ARG A 30 0.90 -3.61 -6.76
N PRO A 31 -0.10 -3.62 -5.86
CA PRO A 31 -1.07 -4.71 -5.70
C PRO A 31 -1.90 -5.01 -6.96
N SER A 32 -1.89 -6.27 -7.40
CA SER A 32 -2.69 -6.79 -8.53
C SER A 32 -2.51 -6.02 -9.86
N GLY A 33 -1.27 -5.63 -10.19
CA GLY A 33 -0.91 -4.95 -11.44
C GLY A 33 0.58 -5.02 -11.78
N LYS A 1 -8.06 2.43 -9.47
CA LYS A 1 -6.61 2.58 -9.17
C LYS A 1 -6.04 1.33 -8.48
N LEU A 2 -6.48 1.01 -7.26
CA LEU A 2 -6.04 -0.11 -6.43
C LEU A 2 -7.22 -1.02 -6.01
N PRO A 3 -6.97 -2.26 -5.53
CA PRO A 3 -8.00 -3.16 -5.00
C PRO A 3 -8.61 -2.65 -3.68
N PRO A 4 -9.71 -3.26 -3.18
CA PRO A 4 -10.40 -2.83 -1.95
C PRO A 4 -9.48 -2.67 -0.73
N GLY A 5 -9.55 -1.51 -0.10
CA GLY A 5 -8.77 -1.14 1.09
C GLY A 5 -7.33 -0.68 0.84
N TRP A 6 -6.72 -1.01 -0.30
CA TRP A 6 -5.34 -0.61 -0.65
C TRP A 6 -5.21 0.88 -1.03
N GLU A 7 -4.16 1.53 -0.55
CA GLU A 7 -3.77 2.92 -0.87
C GLU A 7 -2.25 3.12 -0.75
N LYS A 8 -1.68 4.10 -1.46
CA LYS A 8 -0.26 4.46 -1.37
C LYS A 8 0.15 4.97 0.02
N ARG A 9 1.38 4.65 0.42
CA ARG A 9 2.01 4.94 1.71
C ARG A 9 3.51 5.24 1.51
N MET A 10 4.18 5.85 2.49
CA MET A 10 5.57 6.28 2.35
C MET A 10 6.29 6.37 3.70
N PHE A 11 7.53 5.84 3.74
CA PHE A 11 8.48 5.94 4.84
C PHE A 11 9.10 7.33 5.08
N ALA A 12 9.60 7.59 6.29
CA ALA A 12 10.26 8.86 6.64
C ALA A 12 11.54 9.17 5.81
N ASN A 13 12.17 8.13 5.25
CA ASN A 13 13.31 8.23 4.32
C ASN A 13 12.94 8.57 2.87
N GLY A 14 11.64 8.66 2.53
CA GLY A 14 11.14 8.92 1.17
C GLY A 14 10.89 7.66 0.31
N THR A 15 10.74 6.48 0.91
CA THR A 15 10.47 5.21 0.21
C THR A 15 8.97 4.92 0.13
N VAL A 16 8.44 4.68 -1.07
CA VAL A 16 6.99 4.46 -1.30
C VAL A 16 6.66 2.96 -1.29
N TYR A 17 5.49 2.63 -0.75
CA TYR A 17 4.91 1.28 -0.69
C TYR A 17 3.38 1.39 -0.68
N TYR A 18 2.68 0.26 -0.54
CA TYR A 18 1.23 0.17 -0.52
C TYR A 18 0.74 -0.40 0.81
N PHE A 19 -0.39 0.11 1.30
CA PHE A 19 -0.97 -0.22 2.61
C PHE A 19 -2.48 -0.44 2.54
N ASN A 20 -3.00 -1.50 3.17
CA ASN A 20 -4.43 -1.78 3.23
C ASN A 20 -5.03 -1.26 4.54
N HIS A 21 -5.92 -0.27 4.46
CA HIS A 21 -6.53 0.37 5.64
C HIS A 21 -7.57 -0.52 6.36
N ILE A 22 -8.15 -1.49 5.64
CA ILE A 22 -9.19 -2.40 6.16
C ILE A 22 -8.56 -3.61 6.88
N THR A 23 -7.47 -4.14 6.33
CA THR A 23 -6.80 -5.38 6.76
C THR A 23 -5.44 -5.22 7.47
N ASN A 24 -4.92 -3.99 7.51
CA ASN A 24 -3.60 -3.60 8.05
C ASN A 24 -2.38 -4.28 7.35
N ALA A 25 -2.59 -4.91 6.19
CA ALA A 25 -1.51 -5.46 5.35
C ALA A 25 -0.64 -4.34 4.74
N SER A 26 0.63 -4.65 4.45
CA SER A 26 1.57 -3.76 3.75
C SER A 26 2.42 -4.53 2.73
N GLN A 27 2.75 -3.91 1.60
CA GLN A 27 3.47 -4.54 0.48
C GLN A 27 4.20 -3.50 -0.40
N PHE A 28 5.38 -3.87 -0.92
CA PHE A 28 6.19 -3.06 -1.83
C PHE A 28 5.83 -3.17 -3.32
N GLU A 29 5.49 -4.37 -3.76
CA GLU A 29 4.94 -4.65 -5.11
C GLU A 29 3.52 -4.09 -5.27
N ARG A 30 3.14 -3.71 -6.50
CA ARG A 30 1.82 -3.14 -6.81
C ARG A 30 0.70 -4.18 -6.52
N PRO A 31 -0.31 -3.87 -5.66
CA PRO A 31 -1.47 -4.73 -5.46
C PRO A 31 -2.31 -4.94 -6.73
N SER A 32 -3.08 -6.02 -6.78
CA SER A 32 -3.98 -6.39 -7.89
C SER A 32 -5.08 -7.35 -7.45
N GLY A 33 -6.22 -7.34 -8.17
CA GLY A 33 -7.40 -8.19 -7.90
C GLY A 33 -8.53 -7.95 -8.90
N LYS A 1 -7.98 2.32 -9.66
CA LYS A 1 -6.59 2.49 -9.16
C LYS A 1 -6.04 1.24 -8.47
N LEU A 2 -6.53 0.89 -7.27
CA LEU A 2 -6.02 -0.18 -6.41
C LEU A 2 -7.14 -1.16 -5.96
N PRO A 3 -6.81 -2.38 -5.50
CA PRO A 3 -7.79 -3.35 -4.99
C PRO A 3 -8.45 -2.89 -3.66
N PRO A 4 -9.51 -3.58 -3.18
CA PRO A 4 -10.27 -3.18 -1.99
C PRO A 4 -9.40 -2.92 -0.75
N GLY A 5 -9.51 -1.71 -0.20
CA GLY A 5 -8.80 -1.25 0.99
C GLY A 5 -7.36 -0.74 0.79
N TRP A 6 -6.71 -1.06 -0.33
CA TRP A 6 -5.34 -0.63 -0.62
C TRP A 6 -5.21 0.86 -0.99
N GLU A 7 -4.16 1.52 -0.47
CA GLU A 7 -3.78 2.91 -0.77
C GLU A 7 -2.27 3.12 -0.63
N LYS A 8 -1.71 4.07 -1.39
CA LYS A 8 -0.29 4.47 -1.31
C LYS A 8 0.16 4.97 0.07
N ARG A 9 1.40 4.67 0.41
CA ARG A 9 2.07 5.01 1.69
C ARG A 9 3.56 5.28 1.47
N MET A 10 4.24 5.92 2.42
CA MET A 10 5.67 6.24 2.28
C MET A 10 6.40 6.41 3.62
N PHE A 11 7.63 5.89 3.66
CA PHE A 11 8.60 6.02 4.75
C PHE A 11 9.26 7.41 4.88
N ALA A 12 9.76 7.75 6.06
CA ALA A 12 10.46 9.02 6.32
C ALA A 12 11.76 9.20 5.51
N ASN A 13 12.37 8.10 5.04
CA ASN A 13 13.54 8.10 4.15
C ASN A 13 13.22 8.37 2.66
N GLY A 14 11.94 8.52 2.29
CA GLY A 14 11.49 8.76 0.91
C GLY A 14 11.16 7.49 0.10
N THR A 15 10.93 6.35 0.75
CA THR A 15 10.57 5.07 0.10
C THR A 15 9.05 4.87 0.06
N VAL A 16 8.50 4.55 -1.12
CA VAL A 16 7.05 4.36 -1.34
C VAL A 16 6.68 2.87 -1.21
N TYR A 17 5.52 2.60 -0.63
CA TYR A 17 4.90 1.27 -0.50
C TYR A 17 3.36 1.44 -0.52
N TYR A 18 2.64 0.36 -0.25
CA TYR A 18 1.18 0.30 -0.26
C TYR A 18 0.67 -0.30 1.06
N PHE A 19 -0.47 0.21 1.54
CA PHE A 19 -1.08 -0.17 2.82
C PHE A 19 -2.59 -0.42 2.68
N ASN A 20 -3.10 -1.50 3.28
CA ASN A 20 -4.52 -1.82 3.27
C ASN A 20 -5.20 -1.33 4.56
N HIS A 21 -6.12 -0.37 4.45
CA HIS A 21 -6.79 0.23 5.62
C HIS A 21 -7.83 -0.70 6.27
N ILE A 22 -8.36 -1.67 5.53
CA ILE A 22 -9.39 -2.62 5.97
C ILE A 22 -8.76 -3.82 6.70
N THR A 23 -7.63 -4.31 6.18
CA THR A 23 -6.95 -5.55 6.61
C THR A 23 -5.63 -5.37 7.37
N ASN A 24 -5.13 -4.13 7.46
CA ASN A 24 -3.85 -3.73 8.06
C ASN A 24 -2.60 -4.36 7.40
N ALA A 25 -2.73 -4.95 6.21
CA ALA A 25 -1.61 -5.47 5.42
C ALA A 25 -0.74 -4.34 4.84
N SER A 26 0.54 -4.63 4.59
CA SER A 26 1.51 -3.72 3.94
C SER A 26 2.36 -4.46 2.91
N GLN A 27 2.66 -3.82 1.78
CA GLN A 27 3.34 -4.43 0.64
C GLN A 27 4.11 -3.40 -0.21
N PHE A 28 5.28 -3.80 -0.74
CA PHE A 28 6.13 -2.94 -1.60
C PHE A 28 5.76 -2.87 -3.09
N GLU A 29 5.37 -3.99 -3.69
CA GLU A 29 4.96 -4.09 -5.09
C GLU A 29 3.50 -3.66 -5.30
N ARG A 30 3.19 -3.03 -6.44
CA ARG A 30 1.86 -2.49 -6.79
C ARG A 30 0.76 -3.58 -6.71
N PRO A 31 -0.21 -3.52 -5.78
CA PRO A 31 -1.16 -4.59 -5.51
C PRO A 31 -2.05 -4.99 -6.70
N SER A 32 -2.10 -6.29 -7.00
CA SER A 32 -2.95 -6.86 -8.06
C SER A 32 -4.38 -7.19 -7.58
N GLY A 33 -5.35 -7.09 -8.49
CA GLY A 33 -6.78 -7.36 -8.23
C GLY A 33 -7.64 -7.29 -9.50
N LYS A 1 -7.43 2.17 -10.03
CA LYS A 1 -6.04 1.67 -10.23
C LYS A 1 -5.72 0.53 -9.25
N LEU A 2 -5.51 0.84 -7.97
CA LEU A 2 -5.24 -0.14 -6.90
C LEU A 2 -6.47 -1.05 -6.65
N PRO A 3 -6.27 -2.29 -6.14
CA PRO A 3 -7.35 -3.16 -5.70
C PRO A 3 -8.10 -2.62 -4.46
N PRO A 4 -9.33 -3.11 -4.17
CA PRO A 4 -10.16 -2.62 -3.07
C PRO A 4 -9.47 -2.65 -1.70
N GLY A 5 -9.61 -1.57 -0.92
CA GLY A 5 -9.06 -1.42 0.43
C GLY A 5 -7.57 -1.05 0.52
N TRP A 6 -6.81 -1.18 -0.57
CA TRP A 6 -5.41 -0.76 -0.67
C TRP A 6 -5.24 0.72 -1.03
N GLU A 7 -4.21 1.37 -0.47
CA GLU A 7 -3.85 2.77 -0.70
C GLU A 7 -2.32 2.98 -0.60
N LYS A 8 -1.78 3.96 -1.32
CA LYS A 8 -0.35 4.33 -1.26
C LYS A 8 0.08 4.89 0.10
N ARG A 9 1.32 4.56 0.48
CA ARG A 9 1.96 4.89 1.77
C ARG A 9 3.46 5.15 1.55
N MET A 10 4.16 5.73 2.52
CA MET A 10 5.56 6.15 2.34
C MET A 10 6.33 6.21 3.68
N PHE A 11 7.55 5.68 3.67
CA PHE A 11 8.54 5.75 4.74
C PHE A 11 9.16 7.13 4.99
N ALA A 12 9.69 7.38 6.19
CA ALA A 12 10.34 8.65 6.55
C ALA A 12 11.59 8.99 5.69
N ASN A 13 12.22 7.98 5.08
CA ASN A 13 13.34 8.11 4.13
C ASN A 13 12.92 8.46 2.68
N GLY A 14 11.61 8.54 2.38
CA GLY A 14 11.07 8.81 1.05
C GLY A 14 10.81 7.58 0.17
N THR A 15 10.70 6.38 0.76
CA THR A 15 10.41 5.12 0.04
C THR A 15 8.91 4.81 0.02
N VAL A 16 8.34 4.54 -1.15
CA VAL A 16 6.89 4.34 -1.35
C VAL A 16 6.55 2.85 -1.29
N TYR A 17 5.38 2.54 -0.71
CA TYR A 17 4.79 1.21 -0.63
C TYR A 17 3.26 1.32 -0.60
N TYR A 18 2.56 0.19 -0.38
CA TYR A 18 1.11 0.07 -0.40
C TYR A 18 0.61 -0.53 0.92
N PHE A 19 -0.55 -0.08 1.38
CA PHE A 19 -1.09 -0.37 2.72
C PHE A 19 -2.61 -0.58 2.67
N ASN A 20 -3.12 -1.65 3.30
CA ASN A 20 -4.55 -1.93 3.39
C ASN A 20 -5.15 -1.31 4.67
N HIS A 21 -6.14 -0.41 4.51
CA HIS A 21 -6.68 0.36 5.64
C HIS A 21 -7.63 -0.44 6.55
N ILE A 22 -8.20 -1.55 6.07
CA ILE A 22 -9.12 -2.41 6.81
C ILE A 22 -8.37 -3.46 7.64
N THR A 23 -7.30 -4.02 7.08
CA THR A 23 -6.57 -5.19 7.61
C THR A 23 -5.17 -4.89 8.17
N ASN A 24 -4.68 -3.66 7.98
CA ASN A 24 -3.34 -3.20 8.35
C ASN A 24 -2.18 -3.95 7.66
N ALA A 25 -2.46 -4.71 6.59
CA ALA A 25 -1.45 -5.35 5.75
C ALA A 25 -0.60 -4.32 4.97
N SER A 26 0.65 -4.68 4.64
CA SER A 26 1.57 -3.84 3.87
C SER A 26 2.33 -4.65 2.79
N GLN A 27 2.65 -3.99 1.67
CA GLN A 27 3.23 -4.60 0.47
C GLN A 27 4.01 -3.57 -0.36
N PHE A 28 5.14 -3.96 -0.97
CA PHE A 28 6.07 -3.04 -1.65
C PHE A 28 5.82 -2.70 -3.14
N GLU A 29 5.62 -3.70 -3.99
CA GLU A 29 5.16 -3.53 -5.38
C GLU A 29 3.62 -3.51 -5.46
N ARG A 30 3.02 -2.81 -6.43
CA ARG A 30 1.57 -2.56 -6.47
C ARG A 30 0.76 -3.87 -6.38
N PRO A 31 -0.13 -4.05 -5.38
CA PRO A 31 -0.86 -5.30 -5.17
C PRO A 31 -1.80 -5.63 -6.35
N SER A 32 -1.99 -6.91 -6.61
CA SER A 32 -2.70 -7.43 -7.81
C SER A 32 -4.19 -7.09 -7.85
N GLY A 33 -4.70 -6.77 -9.05
CA GLY A 33 -6.06 -6.31 -9.32
C GLY A 33 -6.23 -5.75 -10.73
N LYS A 1 -7.92 2.08 -9.48
CA LYS A 1 -6.48 2.29 -9.18
C LYS A 1 -5.89 1.09 -8.44
N LEU A 2 -6.27 0.86 -7.18
CA LEU A 2 -5.81 -0.23 -6.31
C LEU A 2 -7.01 -1.12 -5.84
N PRO A 3 -6.77 -2.36 -5.34
CA PRO A 3 -7.83 -3.26 -4.87
C PRO A 3 -8.50 -2.75 -3.56
N PRO A 4 -9.59 -3.40 -3.10
CA PRO A 4 -10.35 -2.97 -1.91
C PRO A 4 -9.48 -2.75 -0.66
N GLY A 5 -9.57 -1.55 -0.09
CA GLY A 5 -8.83 -1.10 1.09
C GLY A 5 -7.38 -0.63 0.87
N TRP A 6 -6.76 -0.95 -0.28
CA TRP A 6 -5.38 -0.54 -0.59
C TRP A 6 -5.24 0.94 -0.97
N GLU A 7 -4.19 1.59 -0.49
CA GLU A 7 -3.77 2.96 -0.84
C GLU A 7 -2.25 3.13 -0.72
N LYS A 8 -1.66 4.08 -1.47
CA LYS A 8 -0.23 4.42 -1.38
C LYS A 8 0.18 4.95 -0.01
N ARG A 9 1.41 4.61 0.39
CA ARG A 9 2.04 4.88 1.69
C ARG A 9 3.53 5.19 1.48
N MET A 10 4.21 5.80 2.46
CA MET A 10 5.61 6.21 2.32
C MET A 10 6.35 6.30 3.65
N PHE A 11 7.57 5.77 3.68
CA PHE A 11 8.54 5.88 4.78
C PHE A 11 9.15 7.27 4.99
N ALA A 12 9.66 7.56 6.19
CA ALA A 12 10.29 8.85 6.53
C ALA A 12 11.55 9.17 5.69
N ASN A 13 12.20 8.15 5.12
CA ASN A 13 13.35 8.27 4.20
C ASN A 13 12.96 8.59 2.74
N GLY A 14 11.66 8.65 2.41
CA GLY A 14 11.14 8.88 1.05
C GLY A 14 10.92 7.62 0.20
N THR A 15 10.78 6.44 0.83
CA THR A 15 10.52 5.16 0.14
C THR A 15 9.02 4.85 0.09
N VAL A 16 8.46 4.62 -1.10
CA VAL A 16 7.02 4.44 -1.32
C VAL A 16 6.67 2.95 -1.32
N TYR A 17 5.50 2.62 -0.77
CA TYR A 17 4.91 1.29 -0.70
C TYR A 17 3.36 1.41 -0.70
N TYR A 18 2.67 0.30 -0.49
CA TYR A 18 1.19 0.20 -0.49
C TYR A 18 0.72 -0.38 0.84
N PHE A 19 -0.42 0.13 1.34
CA PHE A 19 -0.99 -0.23 2.64
C PHE A 19 -2.51 -0.43 2.57
N ASN A 20 -3.03 -1.50 3.19
CA ASN A 20 -4.46 -1.77 3.25
C ASN A 20 -5.06 -1.25 4.57
N HIS A 21 -5.96 -0.26 4.50
CA HIS A 21 -6.56 0.37 5.68
C HIS A 21 -7.61 -0.51 6.38
N ILE A 22 -8.20 -1.47 5.65
CA ILE A 22 -9.26 -2.38 6.14
C ILE A 22 -8.64 -3.60 6.84
N THR A 23 -7.55 -4.13 6.29
CA THR A 23 -6.91 -5.40 6.69
C THR A 23 -5.56 -5.28 7.39
N ASN A 24 -5.00 -4.07 7.46
CA ASN A 24 -3.67 -3.72 8.01
C ASN A 24 -2.49 -4.44 7.30
N ALA A 25 -2.72 -5.01 6.10
CA ALA A 25 -1.67 -5.56 5.25
C ALA A 25 -0.77 -4.46 4.63
N SER A 26 0.46 -4.80 4.27
CA SER A 26 1.41 -3.91 3.58
C SER A 26 2.22 -4.67 2.52
N GLN A 27 2.62 -3.97 1.45
CA GLN A 27 3.44 -4.51 0.35
C GLN A 27 4.23 -3.40 -0.36
N PHE A 28 5.48 -3.68 -0.71
CA PHE A 28 6.29 -2.81 -1.58
C PHE A 28 5.96 -2.93 -3.08
N GLU A 29 5.55 -4.12 -3.53
CA GLU A 29 5.04 -4.38 -4.88
C GLU A 29 3.58 -3.91 -5.04
N ARG A 30 3.25 -3.35 -6.21
CA ARG A 30 1.90 -2.87 -6.54
C ARG A 30 0.86 -4.03 -6.50
N PRO A 31 -0.18 -3.98 -5.65
CA PRO A 31 -1.07 -5.12 -5.40
C PRO A 31 -2.05 -5.40 -6.55
N SER A 32 -2.16 -6.68 -6.95
CA SER A 32 -2.94 -7.18 -8.10
C SER A 32 -2.51 -6.58 -9.46
N GLY A 33 -3.12 -7.06 -10.55
CA GLY A 33 -2.84 -6.65 -11.94
C GLY A 33 -3.73 -7.36 -12.96
N LYS A 1 -9.24 0.87 -9.06
CA LYS A 1 -7.89 0.59 -9.61
C LYS A 1 -7.17 -0.46 -8.77
N LEU A 2 -6.78 -0.12 -7.53
CA LEU A 2 -6.27 -1.07 -6.52
C LEU A 2 -7.41 -1.92 -5.91
N PRO A 3 -7.12 -3.05 -5.24
CA PRO A 3 -8.13 -3.88 -4.56
C PRO A 3 -8.73 -3.18 -3.33
N PRO A 4 -9.85 -3.70 -2.76
CA PRO A 4 -10.54 -3.06 -1.63
C PRO A 4 -9.64 -2.75 -0.43
N GLY A 5 -9.61 -1.46 -0.04
CA GLY A 5 -8.83 -0.94 1.09
C GLY A 5 -7.36 -0.57 0.79
N TRP A 6 -6.78 -1.01 -0.33
CA TRP A 6 -5.39 -0.69 -0.70
C TRP A 6 -5.19 0.76 -1.19
N GLU A 7 -4.14 1.40 -0.69
CA GLU A 7 -3.70 2.77 -1.05
C GLU A 7 -2.17 2.90 -1.02
N LYS A 8 -1.61 3.94 -1.66
CA LYS A 8 -0.18 4.29 -1.53
C LYS A 8 0.18 4.84 -0.16
N ARG A 9 1.39 4.52 0.29
CA ARG A 9 1.98 4.86 1.60
C ARG A 9 3.48 5.17 1.44
N MET A 10 4.12 5.77 2.45
CA MET A 10 5.52 6.22 2.35
C MET A 10 6.20 6.30 3.73
N PHE A 11 7.42 5.77 3.80
CA PHE A 11 8.34 5.84 4.93
C PHE A 11 8.96 7.22 5.19
N ALA A 12 9.44 7.49 6.41
CA ALA A 12 10.07 8.76 6.79
C ALA A 12 11.35 9.10 6.00
N ASN A 13 12.03 8.08 5.43
CA ASN A 13 13.19 8.22 4.55
C ASN A 13 12.86 8.56 3.08
N GLY A 14 11.57 8.62 2.71
CA GLY A 14 11.11 8.87 1.33
C GLY A 14 10.91 7.61 0.48
N THR A 15 10.73 6.43 1.07
CA THR A 15 10.49 5.16 0.36
C THR A 15 8.98 4.88 0.23
N VAL A 16 8.50 4.62 -0.98
CA VAL A 16 7.06 4.41 -1.27
C VAL A 16 6.76 2.91 -1.26
N TYR A 17 5.57 2.57 -0.75
CA TYR A 17 5.01 1.22 -0.70
C TYR A 17 3.46 1.31 -0.72
N TYR A 18 2.78 0.19 -0.56
CA TYR A 18 1.32 0.06 -0.58
C TYR A 18 0.81 -0.51 0.74
N PHE A 19 -0.35 -0.03 1.19
CA PHE A 19 -0.92 -0.32 2.51
C PHE A 19 -2.45 -0.47 2.44
N ASN A 20 -3.00 -1.48 3.10
CA ASN A 20 -4.45 -1.67 3.20
C ASN A 20 -4.99 -1.05 4.49
N HIS A 21 -5.87 -0.04 4.38
CA HIS A 21 -6.42 0.68 5.54
C HIS A 21 -7.44 -0.15 6.35
N ILE A 22 -8.07 -1.15 5.74
CA ILE A 22 -9.11 -2.02 6.33
C ILE A 22 -8.47 -3.20 7.07
N THR A 23 -7.42 -3.78 6.50
CA THR A 23 -6.78 -5.05 6.93
C THR A 23 -5.37 -4.93 7.52
N ASN A 24 -4.80 -3.72 7.52
CA ASN A 24 -3.42 -3.37 7.93
C ASN A 24 -2.29 -4.17 7.24
N ALA A 25 -2.59 -4.83 6.11
CA ALA A 25 -1.60 -5.45 5.23
C ALA A 25 -0.68 -4.40 4.56
N SER A 26 0.55 -4.79 4.22
CA SER A 26 1.53 -3.94 3.53
C SER A 26 2.34 -4.72 2.47
N GLN A 27 2.75 -4.04 1.40
CA GLN A 27 3.50 -4.63 0.27
C GLN A 27 4.28 -3.57 -0.53
N PHE A 28 5.44 -3.93 -1.07
CA PHE A 28 6.28 -3.05 -1.90
C PHE A 28 5.93 -2.97 -3.39
N GLU A 29 5.58 -4.11 -3.99
CA GLU A 29 5.03 -4.19 -5.36
C GLU A 29 3.58 -3.66 -5.42
N ARG A 30 3.16 -3.15 -6.59
CA ARG A 30 1.79 -2.63 -6.78
C ARG A 30 0.75 -3.77 -6.68
N PRO A 31 -0.30 -3.67 -5.84
CA PRO A 31 -1.38 -4.66 -5.74
C PRO A 31 -2.16 -4.90 -7.04
N SER A 32 -2.94 -5.98 -7.09
CA SER A 32 -3.65 -6.48 -8.27
C SER A 32 -4.64 -5.49 -8.90
N GLY A 33 -4.79 -5.54 -10.23
CA GLY A 33 -5.68 -4.66 -11.02
C GLY A 33 -5.31 -4.63 -12.50
N LYS A 1 -8.17 2.67 -9.06
CA LYS A 1 -6.71 2.42 -9.24
C LYS A 1 -6.25 1.13 -8.58
N LEU A 2 -6.41 0.98 -7.25
CA LEU A 2 -5.97 -0.17 -6.44
C LEU A 2 -7.15 -1.06 -5.99
N PRO A 3 -6.91 -2.33 -5.63
CA PRO A 3 -7.94 -3.24 -5.10
C PRO A 3 -8.50 -2.79 -3.73
N PRO A 4 -9.65 -3.34 -3.26
CA PRO A 4 -10.36 -2.87 -2.07
C PRO A 4 -9.50 -2.74 -0.80
N GLY A 5 -9.58 -1.57 -0.16
CA GLY A 5 -8.83 -1.20 1.05
C GLY A 5 -7.37 -0.78 0.83
N TRP A 6 -6.72 -1.18 -0.28
CA TRP A 6 -5.34 -0.81 -0.59
C TRP A 6 -5.18 0.64 -1.07
N GLU A 7 -4.13 1.33 -0.61
CA GLU A 7 -3.73 2.68 -0.98
C GLU A 7 -2.19 2.87 -0.95
N LYS A 8 -1.70 3.97 -1.54
CA LYS A 8 -0.29 4.38 -1.43
C LYS A 8 0.12 4.78 -0.01
N ARG A 9 1.38 4.48 0.34
CA ARG A 9 2.02 4.73 1.63
C ARG A 9 3.51 5.08 1.43
N MET A 10 4.15 5.68 2.43
CA MET A 10 5.56 6.11 2.31
C MET A 10 6.28 6.19 3.66
N PHE A 11 7.52 5.70 3.68
CA PHE A 11 8.46 5.81 4.80
C PHE A 11 9.04 7.21 5.06
N ALA A 12 9.53 7.48 6.27
CA ALA A 12 10.13 8.76 6.65
C ALA A 12 11.40 9.13 5.83
N ASN A 13 12.08 8.12 5.25
CA ASN A 13 13.22 8.28 4.36
C ASN A 13 12.85 8.61 2.89
N GLY A 14 11.55 8.66 2.55
CA GLY A 14 11.06 8.91 1.19
C GLY A 14 10.87 7.66 0.31
N THR A 15 10.76 6.46 0.90
CA THR A 15 10.53 5.20 0.16
C THR A 15 9.05 4.85 0.11
N VAL A 16 8.50 4.61 -1.09
CA VAL A 16 7.06 4.40 -1.33
C VAL A 16 6.74 2.90 -1.33
N TYR A 17 5.58 2.56 -0.76
CA TYR A 17 4.98 1.22 -0.74
C TYR A 17 3.45 1.35 -0.74
N TYR A 18 2.73 0.26 -0.49
CA TYR A 18 1.27 0.21 -0.50
C TYR A 18 0.76 -0.45 0.78
N PHE A 19 -0.40 0.00 1.26
CA PHE A 19 -0.96 -0.33 2.58
C PHE A 19 -2.49 -0.50 2.53
N ASN A 20 -3.02 -1.55 3.16
CA ASN A 20 -4.46 -1.78 3.26
C ASN A 20 -5.02 -1.18 4.56
N HIS A 21 -5.90 -0.18 4.45
CA HIS A 21 -6.46 0.53 5.62
C HIS A 21 -7.50 -0.30 6.41
N ILE A 22 -8.11 -1.30 5.78
CA ILE A 22 -9.15 -2.18 6.34
C ILE A 22 -8.53 -3.36 7.10
N THR A 23 -7.46 -3.94 6.54
CA THR A 23 -6.82 -5.19 7.00
C THR A 23 -5.43 -5.05 7.63
N ASN A 24 -4.86 -3.83 7.61
CA ASN A 24 -3.51 -3.49 8.07
C ASN A 24 -2.35 -4.23 7.36
N ALA A 25 -2.61 -4.86 6.22
CA ALA A 25 -1.59 -5.46 5.36
C ALA A 25 -0.69 -4.40 4.69
N SER A 26 0.56 -4.76 4.37
CA SER A 26 1.53 -3.89 3.69
C SER A 26 2.37 -4.65 2.65
N GLN A 27 2.70 -4.00 1.54
CA GLN A 27 3.45 -4.60 0.42
C GLN A 27 4.17 -3.51 -0.40
N PHE A 28 5.38 -3.81 -0.86
CA PHE A 28 6.20 -2.92 -1.70
C PHE A 28 5.84 -2.92 -3.20
N GLU A 29 5.49 -4.08 -3.74
CA GLU A 29 4.92 -4.23 -5.08
C GLU A 29 3.48 -3.69 -5.18
N ARG A 30 3.11 -3.12 -6.33
CA ARG A 30 1.79 -2.54 -6.60
C ARG A 30 0.68 -3.62 -6.55
N PRO A 31 -0.29 -3.55 -5.61
CA PRO A 31 -1.24 -4.64 -5.33
C PRO A 31 -2.33 -4.77 -6.42
N SER A 32 -2.80 -5.99 -6.66
CA SER A 32 -3.86 -6.31 -7.64
C SER A 32 -4.61 -7.61 -7.27
N GLY A 33 -5.80 -7.80 -7.86
CA GLY A 33 -6.68 -8.95 -7.65
C GLY A 33 -7.88 -8.96 -8.58
N LYS A 1 -9.48 2.56 -8.37
CA LYS A 1 -8.06 2.85 -8.03
C LYS A 1 -7.60 1.91 -6.92
N LEU A 2 -6.72 0.95 -7.24
CA LEU A 2 -6.26 -0.18 -6.39
C LEU A 2 -7.40 -1.14 -5.95
N PRO A 3 -7.08 -2.38 -5.48
CA PRO A 3 -8.06 -3.32 -4.92
C PRO A 3 -8.66 -2.83 -3.58
N PRO A 4 -9.71 -3.50 -3.05
CA PRO A 4 -10.41 -3.07 -1.83
C PRO A 4 -9.50 -2.82 -0.63
N GLY A 5 -9.55 -1.60 -0.09
CA GLY A 5 -8.79 -1.13 1.07
C GLY A 5 -7.35 -0.68 0.80
N TRP A 6 -6.74 -1.04 -0.34
CA TRP A 6 -5.36 -0.65 -0.68
C TRP A 6 -5.21 0.82 -1.09
N GLU A 7 -4.12 1.46 -0.64
CA GLU A 7 -3.74 2.84 -0.97
C GLU A 7 -2.20 3.01 -0.88
N LYS A 8 -1.62 3.98 -1.59
CA LYS A 8 -0.19 4.33 -1.48
C LYS A 8 0.18 4.89 -0.11
N ARG A 9 1.40 4.56 0.33
CA ARG A 9 1.99 4.90 1.64
C ARG A 9 3.50 5.16 1.47
N MET A 10 4.15 5.81 2.43
CA MET A 10 5.58 6.15 2.33
C MET A 10 6.27 6.32 3.69
N PHE A 11 7.50 5.81 3.76
CA PHE A 11 8.42 5.94 4.89
C PHE A 11 9.06 7.33 5.08
N ALA A 12 9.55 7.63 6.28
CA ALA A 12 10.21 8.91 6.60
C ALA A 12 11.51 9.16 5.78
N ASN A 13 12.14 8.10 5.28
CA ASN A 13 13.31 8.17 4.38
C ASN A 13 12.96 8.46 2.90
N GLY A 14 11.68 8.61 2.55
CA GLY A 14 11.21 8.87 1.18
C GLY A 14 10.94 7.62 0.32
N THR A 15 10.78 6.44 0.94
CA THR A 15 10.51 5.17 0.23
C THR A 15 9.01 4.88 0.17
N VAL A 16 8.49 4.59 -1.03
CA VAL A 16 7.05 4.37 -1.28
C VAL A 16 6.73 2.87 -1.23
N TYR A 17 5.55 2.54 -0.70
CA TYR A 17 4.97 1.20 -0.64
C TYR A 17 3.43 1.32 -0.65
N TYR A 18 2.73 0.20 -0.47
CA TYR A 18 1.27 0.11 -0.50
C TYR A 18 0.74 -0.47 0.82
N PHE A 19 -0.39 0.06 1.29
CA PHE A 19 -0.98 -0.25 2.60
C PHE A 19 -2.49 -0.45 2.51
N ASN A 20 -3.02 -1.49 3.17
CA ASN A 20 -4.45 -1.76 3.23
C ASN A 20 -5.05 -1.20 4.53
N HIS A 21 -5.95 -0.22 4.42
CA HIS A 21 -6.55 0.45 5.59
C HIS A 21 -7.59 -0.43 6.32
N ILE A 22 -8.18 -1.42 5.64
CA ILE A 22 -9.22 -2.33 6.16
C ILE A 22 -8.58 -3.52 6.90
N THR A 23 -7.49 -4.05 6.35
CA THR A 23 -6.81 -5.30 6.79
C THR A 23 -5.46 -5.13 7.48
N ASN A 24 -4.92 -3.90 7.51
CA ASN A 24 -3.60 -3.52 8.04
C ASN A 24 -2.40 -4.21 7.35
N ALA A 25 -2.60 -4.84 6.19
CA ALA A 25 -1.53 -5.42 5.38
C ALA A 25 -0.65 -4.33 4.71
N SER A 26 0.60 -4.66 4.41
CA SER A 26 1.58 -3.76 3.76
C SER A 26 2.48 -4.52 2.77
N GLN A 27 2.78 -3.94 1.61
CA GLN A 27 3.61 -4.57 0.57
C GLN A 27 4.30 -3.54 -0.35
N PHE A 28 5.44 -3.90 -0.94
CA PHE A 28 6.23 -3.02 -1.82
C PHE A 28 5.84 -2.93 -3.30
N GLU A 29 5.46 -4.07 -3.90
CA GLU A 29 4.95 -4.16 -5.27
C GLU A 29 3.48 -3.73 -5.35
N ARG A 30 3.00 -3.26 -6.51
CA ARG A 30 1.63 -2.75 -6.66
C ARG A 30 0.58 -3.87 -6.45
N PRO A 31 -0.41 -3.71 -5.54
CA PRO A 31 -1.49 -4.69 -5.31
C PRO A 31 -2.34 -5.01 -6.55
N SER A 32 -3.00 -6.17 -6.53
CA SER A 32 -3.89 -6.65 -7.60
C SER A 32 -5.00 -7.54 -7.04
N GLY A 33 -6.15 -7.60 -7.74
CA GLY A 33 -7.35 -8.35 -7.34
C GLY A 33 -8.46 -8.28 -8.39
#